data_8J8E
#
_entry.id   8J8E
#
_cell.length_a   38.356
_cell.length_b   92.706
_cell.length_c   95.345
_cell.angle_alpha   74.89
_cell.angle_beta   89.73
_cell.angle_gamma   79.88
#
_symmetry.space_group_name_H-M   'P 1'
#
loop_
_entity.id
_entity.type
_entity.pdbx_description
1 polymer 'Serum albumin'
2 non-polymer 'PALMITIC ACID'
3 non-polymer ~{N},~{N}-dimethyl-7-phenyl-3-thia-1$l^{4},5,6$l^{4}-triaza-2$l^{3}-palladatricyclo[6.4.0.0^{2,6}]dodeca-1(12),4,6,8,10-pentaen-4-amine
4 water water
#
_entity_poly.entity_id   1
_entity_poly.type   'polypeptide(L)'
_entity_poly.pdbx_seq_one_letter_code
;DAHKSEVAHRFKDLGEENFKALVLIAFAQYLQQCPFEDHVKLVNEVTEFAKTCVADESAENCDKSLHTLFGDKLCTVATL
RETYGEMADCCAKQEPERNECFLQHKDDNPNLPRLVRPEVDVMCTAFHDNEETFLKKYLYEIARRHPYFYAPELLFFAKR
YKAAFTECCQAADKAACLLPKLDELRDEGKASSAKQRLKCASLQKFGERAFKAWAVARLSQRFPKAEFAEVSKLVTDLTK
VHTECCHGDLLECADDRADLAKYICENQDSISSKLKECCEKPLLEKSHCIAEVENDEMPADLPSLAADFVESKDVCKNYA
EAKDVFLGMFLYEYARRHPDYSVVLLLRLAKTYETTLEKCCAAADPHECYAKVFDEFKPLVEEPQNLIKQNCELFEQLGE
YKFQNALLVRYTKKVPQVSTPTLVEVSRNLGKVGSKCCKHPEAKRMPCAEDYLSVVLNQLCVLHEKTPVSDRVTKCCTES
LVNRRPCFSALEVDETYVPKEFNAETFTFHADICTLSEKERQIKKQTALVELVKHKPKATKEQLKAVMDDFAAFVEKCCK
ADDKETCFAEEGKKLVAASQAALGL
;
_entity_poly.pdbx_strand_id   A,I
#
loop_
_chem_comp.id
_chem_comp.type
_chem_comp.name
_chem_comp.formula
PLM non-polymer 'PALMITIC ACID' 'C16 H32 O2'
U5U non-polymer ~{N},~{N}-dimethyl-7-phenyl-3-thia-1$l^{4},5,6$l^{4}-triaza-2$l^{3}-palladatricyclo[6.4.0.0^{2,6}]dodeca-1(12),4,6,8,10-pentaen-4-amine 'C15 H15 N4 Pd S'
#
# COMPACT_ATOMS: atom_id res chain seq x y z
N HIS A 3 13.42 11.04 1.62
CA HIS A 3 14.03 11.28 0.26
C HIS A 3 14.04 12.77 -0.13
N LYS A 4 15.03 13.50 0.40
CA LYS A 4 15.27 14.90 0.03
C LYS A 4 15.61 15.00 -1.46
N SER A 5 16.47 14.09 -1.91
CA SER A 5 16.98 14.05 -3.30
C SER A 5 16.41 12.86 -4.08
N GLU A 6 15.64 13.12 -5.13
CA GLU A 6 15.00 12.03 -5.90
C GLU A 6 15.99 11.23 -6.77
N VAL A 7 17.01 11.87 -7.31
CA VAL A 7 18.00 11.14 -8.10
C VAL A 7 18.89 10.20 -7.25
N ALA A 8 19.18 10.55 -6.00
CA ALA A 8 19.97 9.67 -5.13
C ALA A 8 19.17 8.42 -4.76
N HIS A 9 17.96 8.64 -4.26
CA HIS A 9 17.04 7.57 -3.88
C HIS A 9 16.88 6.54 -5.00
N ARG A 10 16.65 7.03 -6.21
CA ARG A 10 16.37 6.18 -7.36
C ARG A 10 17.63 5.46 -7.87
N PHE A 11 18.80 6.07 -7.68
CA PHE A 11 20.09 5.45 -7.95
C PHE A 11 20.33 4.23 -7.04
N LYS A 12 19.95 4.35 -5.78
CA LYS A 12 20.14 3.28 -4.79
C LYS A 12 19.24 2.09 -5.05
N ASP A 13 18.01 2.34 -5.46
CA ASP A 13 17.05 1.25 -5.69
C ASP A 13 17.18 0.48 -7.03
N LEU A 14 17.86 1.07 -8.03
CA LEU A 14 18.14 0.40 -9.33
C LEU A 14 19.51 -0.19 -9.34
N GLY A 15 20.46 0.53 -8.78
CA GLY A 15 21.85 0.19 -8.84
C GLY A 15 22.46 0.90 -10.02
N GLU A 16 23.72 1.25 -9.87
CA GLU A 16 24.51 1.86 -10.93
C GLU A 16 24.24 1.31 -12.33
N GLU A 17 24.34 0.00 -12.53
CA GLU A 17 24.25 -0.52 -13.90
C GLU A 17 22.90 -0.29 -14.55
N ASN A 18 21.82 -0.57 -13.83
CA ASN A 18 20.48 -0.36 -14.36
C ASN A 18 20.16 1.14 -14.67
N PHE A 19 20.76 2.03 -13.86
CA PHE A 19 20.58 3.47 -13.89
C PHE A 19 21.15 4.09 -15.16
N LYS A 20 22.44 3.83 -15.39
CA LYS A 20 23.15 4.24 -16.61
C LYS A 20 22.40 3.84 -17.87
N ALA A 21 22.05 2.57 -17.96
CA ALA A 21 21.28 2.07 -19.10
C ALA A 21 19.89 2.69 -19.32
N LEU A 22 19.19 3.02 -18.25
CA LEU A 22 17.87 3.64 -18.34
C LEU A 22 18.04 5.12 -18.69
N VAL A 23 19.00 5.81 -18.11
CA VAL A 23 19.36 7.16 -18.56
C VAL A 23 19.83 7.20 -20.01
N LEU A 24 20.60 6.18 -20.43
CA LEU A 24 20.94 6.07 -21.83
C LEU A 24 19.66 6.01 -22.63
N ILE A 25 18.78 5.07 -22.27
CA ILE A 25 17.55 4.83 -23.08
C ILE A 25 16.71 6.11 -23.11
N ALA A 26 16.55 6.73 -21.94
CA ALA A 26 15.75 7.92 -21.76
C ALA A 26 16.25 9.05 -22.61
N PHE A 27 17.56 9.33 -22.53
CA PHE A 27 18.15 10.32 -23.42
C PHE A 27 18.16 9.93 -24.89
N ALA A 28 18.40 8.66 -25.19
CA ALA A 28 18.32 8.17 -26.61
C ALA A 28 16.97 8.45 -27.23
N GLN A 29 15.90 8.44 -26.43
CA GLN A 29 14.53 8.56 -26.92
C GLN A 29 14.07 10.01 -27.27
N TYR A 30 14.74 11.01 -26.68
CA TYR A 30 14.49 12.41 -27.04
C TYR A 30 15.53 12.88 -28.05
N LEU A 31 16.80 12.82 -27.67
CA LEU A 31 17.89 13.23 -28.55
C LEU A 31 18.20 12.17 -29.61
N GLN A 32 17.26 11.93 -30.50
CA GLN A 32 17.33 10.78 -31.41
C GLN A 32 18.37 10.92 -32.54
N GLN A 33 18.98 12.09 -32.69
CA GLN A 33 19.95 12.35 -33.77
C GLN A 33 21.38 12.61 -33.30
N CYS A 34 21.62 12.87 -32.01
CA CYS A 34 23.02 13.10 -31.55
C CYS A 34 23.73 11.74 -31.52
N PRO A 35 25.05 11.75 -31.74
CA PRO A 35 25.79 10.49 -31.86
C PRO A 35 25.80 9.69 -30.56
N PHE A 36 25.96 8.36 -30.67
CA PHE A 36 26.19 7.49 -29.51
C PHE A 36 27.16 8.12 -28.45
N GLU A 37 28.27 8.70 -28.91
CA GLU A 37 29.29 9.30 -28.00
C GLU A 37 28.85 10.47 -27.13
N ASP A 38 27.89 11.26 -27.61
CA ASP A 38 27.33 12.35 -26.82
C ASP A 38 26.59 11.77 -25.64
N HIS A 39 25.78 10.76 -25.92
CA HIS A 39 24.98 10.09 -24.90
C HIS A 39 25.87 9.50 -23.83
N VAL A 40 27.00 8.90 -24.22
CA VAL A 40 27.95 8.34 -23.23
C VAL A 40 28.50 9.49 -22.35
N LYS A 41 28.70 10.67 -22.95
CA LYS A 41 29.09 11.87 -22.19
C LYS A 41 27.98 12.35 -21.23
N LEU A 42 26.77 12.61 -21.74
CA LEU A 42 25.59 12.89 -20.88
C LEU A 42 25.45 11.84 -19.75
N VAL A 43 25.38 10.57 -20.13
CA VAL A 43 25.16 9.45 -19.21
C VAL A 43 26.26 9.32 -18.14
N ASN A 44 27.51 9.57 -18.50
CA ASN A 44 28.61 9.67 -17.52
C ASN A 44 28.48 10.89 -16.59
N GLU A 45 28.18 12.04 -17.17
CA GLU A 45 28.03 13.27 -16.40
C GLU A 45 26.91 13.13 -15.36
N VAL A 46 25.76 12.63 -15.79
CA VAL A 46 24.62 12.45 -14.90
C VAL A 46 24.91 11.43 -13.80
N THR A 47 25.54 10.31 -14.16
CA THR A 47 25.98 9.33 -13.14
C THR A 47 26.99 9.91 -12.13
N GLU A 48 27.98 10.68 -12.61
CA GLU A 48 28.90 11.38 -11.72
C GLU A 48 28.07 12.19 -10.74
N PHE A 49 27.12 12.93 -11.28
CA PHE A 49 26.25 13.79 -10.48
C PHE A 49 25.35 13.05 -9.48
N ALA A 50 24.75 11.93 -9.89
CA ALA A 50 23.96 11.12 -8.95
C ALA A 50 24.82 10.68 -7.77
N LYS A 51 26.04 10.23 -8.06
CA LYS A 51 26.96 9.76 -7.03
C LYS A 51 27.22 10.83 -6.00
N THR A 52 27.34 12.09 -6.45
CA THR A 52 27.41 13.26 -5.56
C THR A 52 26.29 13.19 -4.53
N CYS A 53 25.06 13.00 -5.01
CA CYS A 53 23.88 12.98 -4.15
C CYS A 53 23.76 11.72 -3.28
N VAL A 54 24.39 10.61 -3.69
CA VAL A 54 24.47 9.44 -2.83
C VAL A 54 25.34 9.79 -1.63
N ALA A 55 26.54 10.29 -1.91
CA ALA A 55 27.48 10.74 -0.88
C ALA A 55 26.86 11.75 0.13
N ASP A 56 26.31 12.86 -0.35
CA ASP A 56 25.67 13.92 0.47
C ASP A 56 24.37 14.45 -0.16
N GLU A 57 23.23 14.16 0.49
CA GLU A 57 21.90 14.54 -0.02
C GLU A 57 21.60 16.04 0.01
N SER A 58 22.38 16.83 0.75
CA SER A 58 22.29 18.31 0.71
C SER A 58 23.30 18.95 -0.24
N ALA A 59 23.91 18.17 -1.14
CA ALA A 59 24.88 18.72 -2.09
C ALA A 59 24.18 19.48 -3.22
N GLU A 60 24.95 20.33 -3.90
CA GLU A 60 24.45 21.21 -4.95
C GLU A 60 23.48 20.49 -5.90
N ASN A 61 22.29 21.07 -6.05
CA ASN A 61 21.24 20.61 -7.00
C ASN A 61 20.56 19.27 -6.71
N CYS A 62 21.00 18.55 -5.68
CA CYS A 62 20.49 17.18 -5.44
C CYS A 62 19.02 17.15 -5.04
N ASP A 63 18.53 18.23 -4.42
CA ASP A 63 17.10 18.42 -4.13
C ASP A 63 16.23 18.93 -5.30
N LYS A 64 16.80 19.04 -6.51
CA LYS A 64 15.99 19.19 -7.72
C LYS A 64 15.39 17.82 -8.04
N SER A 65 14.14 17.81 -8.48
CA SER A 65 13.47 16.59 -8.91
C SER A 65 14.07 16.08 -10.23
N LEU A 66 13.74 14.83 -10.56
CA LEU A 66 14.22 14.22 -11.80
C LEU A 66 13.78 14.96 -13.06
N HIS A 67 12.54 15.44 -13.06
CA HIS A 67 12.02 16.18 -14.21
C HIS A 67 12.79 17.48 -14.43
N THR A 68 13.08 18.23 -13.36
CA THR A 68 13.98 19.41 -13.46
C THR A 68 15.38 19.07 -13.99
N LEU A 69 15.93 17.93 -13.58
CA LEU A 69 17.28 17.51 -13.97
C LEU A 69 17.33 17.09 -15.43
N PHE A 70 16.48 16.15 -15.80
CA PHE A 70 16.33 15.75 -17.20
C PHE A 70 16.27 16.94 -18.20
N GLY A 71 15.34 17.87 -17.99
CA GLY A 71 15.17 19.04 -18.83
C GLY A 71 16.34 20.00 -18.81
N ASP A 72 16.89 20.28 -17.63
CA ASP A 72 18.14 21.08 -17.53
C ASP A 72 19.24 20.49 -18.43
N LYS A 73 19.32 19.15 -18.49
CA LYS A 73 20.38 18.45 -19.25
C LYS A 73 20.21 18.52 -20.74
N LEU A 74 18.98 18.30 -21.22
CA LEU A 74 18.61 18.49 -22.65
C LEU A 74 18.96 19.88 -23.17
N CYS A 75 18.75 20.89 -22.34
CA CYS A 75 19.01 22.29 -22.70
C CYS A 75 20.48 22.68 -22.65
N THR A 76 21.32 21.92 -21.95
CA THR A 76 22.79 22.13 -22.02
C THR A 76 23.39 21.66 -23.35
N VAL A 77 22.62 20.86 -24.12
CA VAL A 77 23.01 20.38 -25.46
C VAL A 77 23.20 21.58 -26.42
N ALA A 78 24.29 21.56 -27.16
CA ALA A 78 24.74 22.74 -27.89
C ALA A 78 23.99 22.94 -29.21
N THR A 79 23.92 21.87 -29.99
CA THR A 79 23.29 21.92 -31.29
C THR A 79 21.77 21.73 -31.21
N LEU A 80 21.13 22.00 -30.06
CA LEU A 80 19.70 21.69 -29.87
C LEU A 80 18.81 22.54 -30.76
N ARG A 81 19.12 23.85 -30.84
CA ARG A 81 18.51 24.81 -31.80
C ARG A 81 18.68 24.34 -33.25
N GLU A 82 19.95 24.13 -33.63
CA GLU A 82 20.31 23.68 -34.97
C GLU A 82 19.64 22.34 -35.31
N THR A 83 19.80 21.34 -34.46
CA THR A 83 19.37 19.96 -34.77
C THR A 83 17.87 19.74 -34.55
N TYR A 84 17.31 20.30 -33.48
CA TYR A 84 15.94 19.97 -33.08
C TYR A 84 14.87 21.04 -33.29
N GLY A 85 15.24 22.29 -33.57
CA GLY A 85 14.26 23.29 -33.95
C GLY A 85 13.21 23.41 -32.86
N GLU A 86 11.92 23.20 -33.19
CA GLU A 86 10.80 23.46 -32.24
C GLU A 86 11.15 23.07 -30.80
N MET A 87 11.81 21.91 -30.64
CA MET A 87 12.22 21.37 -29.32
C MET A 87 13.05 22.35 -28.47
N ALA A 88 13.97 23.07 -29.09
CA ALA A 88 14.71 24.15 -28.40
C ALA A 88 13.84 25.28 -27.79
N ASP A 89 12.63 25.50 -28.32
CA ASP A 89 11.66 26.46 -27.75
C ASP A 89 11.11 26.07 -26.37
N CYS A 90 11.16 24.79 -26.01
CA CYS A 90 10.69 24.35 -24.67
C CYS A 90 11.64 24.73 -23.53
N CYS A 91 12.91 24.93 -23.84
CA CYS A 91 13.90 25.37 -22.84
C CYS A 91 13.60 26.76 -22.25
N ALA A 92 12.84 27.58 -22.98
CA ALA A 92 12.51 28.95 -22.56
C ALA A 92 11.25 29.09 -21.67
N LYS A 93 10.70 28.01 -21.13
CA LYS A 93 9.49 28.07 -20.26
C LYS A 93 9.74 27.66 -18.79
N GLN A 94 8.70 27.82 -17.97
CA GLN A 94 8.71 27.38 -16.58
C GLN A 94 8.50 25.86 -16.50
N GLU A 95 8.74 25.28 -15.32
CA GLU A 95 8.90 23.81 -15.15
C GLU A 95 7.62 22.93 -15.21
N PRO A 96 6.44 23.49 -14.85
CA PRO A 96 5.19 22.75 -15.17
C PRO A 96 4.69 22.86 -16.64
N GLU A 97 5.39 23.63 -17.48
CA GLU A 97 5.13 23.68 -18.92
C GLU A 97 6.30 23.11 -19.74
N ARG A 98 7.53 23.36 -19.34
CA ARG A 98 8.71 22.83 -20.06
C ARG A 98 8.65 21.32 -20.28
N ASN A 99 8.23 20.61 -19.24
CA ASN A 99 8.22 19.17 -19.22
C ASN A 99 7.23 18.64 -20.29
N GLU A 100 5.99 19.07 -20.20
CA GLU A 100 5.01 18.64 -21.18
C GLU A 100 5.23 19.19 -22.62
N CYS A 101 6.11 20.17 -22.80
CA CYS A 101 6.51 20.61 -24.15
C CYS A 101 7.50 19.60 -24.79
N PHE A 102 8.49 19.15 -24.02
CA PHE A 102 9.37 18.07 -24.47
C PHE A 102 8.63 16.78 -24.90
N LEU A 103 7.52 16.46 -24.22
CA LEU A 103 6.71 15.30 -24.57
C LEU A 103 6.03 15.43 -25.92
N GLN A 104 5.50 16.62 -26.20
CA GLN A 104 4.86 16.91 -27.48
C GLN A 104 5.77 16.92 -28.71
N HIS A 105 7.08 17.13 -28.53
CA HIS A 105 8.05 17.24 -29.65
C HIS A 105 8.97 16.03 -29.79
N LYS A 106 8.66 14.96 -29.09
CA LYS A 106 9.25 13.65 -29.35
C LYS A 106 8.76 13.18 -30.73
N ASP A 107 9.68 12.93 -31.66
CA ASP A 107 9.38 12.29 -32.95
C ASP A 107 9.03 10.82 -32.74
N ASP A 108 8.00 10.31 -33.43
CA ASP A 108 7.69 8.86 -33.49
C ASP A 108 8.02 8.34 -34.87
N ASN A 109 8.79 7.27 -34.94
CA ASN A 109 9.31 6.77 -36.23
C ASN A 109 10.00 7.91 -37.03
N PRO A 110 11.27 8.18 -36.70
CA PRO A 110 12.04 9.20 -37.42
C PRO A 110 12.47 8.75 -38.81
N ASN A 111 13.38 9.51 -39.42
CA ASN A 111 14.01 9.12 -40.67
C ASN A 111 15.38 8.58 -40.32
N LEU A 112 15.41 7.33 -39.88
CA LEU A 112 16.65 6.59 -39.71
C LEU A 112 16.66 5.44 -40.70
N PRO A 113 17.86 5.00 -41.13
CA PRO A 113 17.96 3.78 -41.94
C PRO A 113 17.60 2.55 -41.10
N ARG A 114 16.91 1.56 -41.67
CA ARG A 114 16.58 0.35 -40.89
C ARG A 114 17.83 -0.47 -40.55
N LEU A 115 17.84 -1.04 -39.34
CA LEU A 115 19.03 -1.70 -38.79
C LEU A 115 19.28 -3.04 -39.43
N VAL A 116 20.40 -3.12 -40.16
CA VAL A 116 20.89 -4.37 -40.75
C VAL A 116 21.54 -5.21 -39.66
N ARG A 117 21.01 -6.40 -39.41
CA ARG A 117 21.64 -7.34 -38.47
C ARG A 117 22.97 -7.82 -39.05
N PRO A 118 24.10 -7.49 -38.41
CA PRO A 118 25.39 -7.96 -38.94
C PRO A 118 25.57 -9.49 -38.91
N GLU A 119 26.77 -9.96 -39.25
CA GLU A 119 27.09 -11.41 -39.27
C GLU A 119 27.28 -11.98 -37.88
N VAL A 120 27.10 -13.29 -37.76
CA VAL A 120 27.23 -13.99 -36.48
C VAL A 120 28.64 -13.89 -35.87
N ASP A 121 29.65 -13.76 -36.73
CA ASP A 121 31.03 -13.72 -36.28
C ASP A 121 31.47 -12.31 -36.00
N VAL A 122 30.94 -11.32 -36.73
CA VAL A 122 31.28 -9.94 -36.42
C VAL A 122 30.67 -9.59 -35.06
N MET A 123 29.43 -10.01 -34.85
CA MET A 123 28.72 -9.78 -33.58
C MET A 123 29.48 -10.38 -32.40
N CYS A 124 29.73 -11.69 -32.46
CA CYS A 124 30.43 -12.41 -31.39
C CYS A 124 31.80 -11.82 -31.10
N THR A 125 32.48 -11.36 -32.14
CA THR A 125 33.76 -10.69 -31.97
C THR A 125 33.63 -9.34 -31.31
N ALA A 126 32.67 -8.56 -31.78
CA ALA A 126 32.42 -7.23 -31.22
C ALA A 126 31.98 -7.32 -29.74
N PHE A 127 31.11 -8.28 -29.47
CA PHE A 127 30.61 -8.53 -28.12
C PHE A 127 31.70 -9.10 -27.23
N HIS A 128 32.68 -9.75 -27.84
CA HIS A 128 33.85 -10.12 -27.08
C HIS A 128 34.80 -8.94 -26.89
N ASP A 129 35.09 -8.22 -27.97
CA ASP A 129 36.17 -7.22 -27.96
C ASP A 129 35.91 -6.09 -26.93
N ASN A 130 34.75 -5.44 -27.08
CA ASN A 130 34.20 -4.54 -26.06
C ASN A 130 32.68 -4.79 -25.95
N GLU A 131 32.28 -5.40 -24.85
CA GLU A 131 30.94 -5.90 -24.69
C GLU A 131 29.92 -4.81 -24.28
N GLU A 132 30.34 -3.90 -23.40
CA GLU A 132 29.49 -2.78 -22.96
C GLU A 132 29.23 -1.73 -24.04
N THR A 133 30.26 -1.37 -24.83
CA THR A 133 30.04 -0.45 -25.95
C THR A 133 29.32 -1.14 -27.12
N PHE A 134 29.38 -2.48 -27.20
CA PHE A 134 28.62 -3.25 -28.20
C PHE A 134 27.13 -3.33 -27.88
N LEU A 135 26.79 -3.46 -26.59
CA LEU A 135 25.39 -3.59 -26.17
C LEU A 135 24.67 -2.25 -25.99
N LYS A 136 25.37 -1.25 -25.48
CA LYS A 136 24.83 0.09 -25.37
C LYS A 136 24.64 0.79 -26.75
N LYS A 137 25.64 0.71 -27.64
CA LYS A 137 25.45 1.26 -28.99
C LYS A 137 24.20 0.62 -29.58
N TYR A 138 24.06 -0.70 -29.50
CA TYR A 138 22.80 -1.32 -29.98
C TYR A 138 21.53 -0.99 -29.14
N LEU A 139 21.71 -0.77 -27.85
CA LEU A 139 20.61 -0.19 -27.02
C LEU A 139 20.22 1.21 -27.49
N TYR A 140 21.21 2.08 -27.63
CA TYR A 140 21.03 3.42 -28.20
C TYR A 140 20.42 3.40 -29.61
N GLU A 141 20.88 2.46 -30.43
CA GLU A 141 20.33 2.24 -31.78
C GLU A 141 18.85 1.86 -31.79
N ILE A 142 18.41 0.98 -30.90
CA ILE A 142 17.01 0.52 -30.91
C ILE A 142 16.09 1.48 -30.18
N ALA A 143 16.63 2.19 -29.20
CA ALA A 143 15.91 3.20 -28.44
C ALA A 143 15.54 4.47 -29.22
N ARG A 144 16.48 5.00 -29.98
CA ARG A 144 16.24 6.18 -30.84
C ARG A 144 15.21 5.91 -31.93
N ARG A 145 15.15 4.67 -32.41
CA ARG A 145 14.15 4.28 -33.41
C ARG A 145 12.77 3.98 -32.84
N HIS A 146 12.71 3.54 -31.58
CA HIS A 146 11.46 3.28 -30.84
C HIS A 146 11.38 4.22 -29.61
N PRO A 147 10.95 5.48 -29.81
CA PRO A 147 10.91 6.46 -28.73
C PRO A 147 9.79 6.29 -27.72
N TYR A 148 8.67 5.70 -28.15
CA TYR A 148 7.54 5.41 -27.26
C TYR A 148 7.59 4.00 -26.62
N PHE A 149 8.70 3.28 -26.80
CA PHE A 149 8.87 1.98 -26.19
C PHE A 149 9.31 2.18 -24.75
N TYR A 150 8.51 1.63 -23.82
CA TYR A 150 8.72 1.81 -22.39
C TYR A 150 10.13 1.36 -21.98
N ALA A 151 10.84 2.26 -21.31
CA ALA A 151 12.29 2.15 -21.14
C ALA A 151 12.80 0.89 -20.42
N PRO A 152 12.21 0.50 -19.29
CA PRO A 152 12.69 -0.70 -18.57
C PRO A 152 12.36 -2.03 -19.22
N GLU A 153 11.37 -2.07 -20.13
CA GLU A 153 11.06 -3.27 -20.91
C GLU A 153 12.08 -3.37 -22.05
N LEU A 154 12.46 -2.23 -22.60
CA LEU A 154 13.58 -2.20 -23.56
C LEU A 154 14.86 -2.74 -22.91
N LEU A 155 15.05 -2.43 -21.64
CA LEU A 155 16.15 -2.90 -20.82
C LEU A 155 16.00 -4.40 -20.50
N PHE A 156 14.76 -4.82 -20.26
CA PHE A 156 14.43 -6.24 -20.02
C PHE A 156 14.74 -7.04 -21.27
N PHE A 157 14.35 -6.53 -22.44
CA PHE A 157 14.74 -7.16 -23.70
C PHE A 157 16.25 -7.13 -23.95
N ALA A 158 16.94 -6.09 -23.49
CA ALA A 158 18.39 -5.98 -23.69
C ALA A 158 19.14 -7.07 -22.93
N LYS A 159 18.63 -7.44 -21.77
CA LYS A 159 19.30 -8.43 -20.92
C LYS A 159 19.20 -9.83 -21.49
N ARG A 160 18.10 -10.07 -22.21
CA ARG A 160 17.88 -11.29 -22.94
C ARG A 160 18.79 -11.39 -24.18
N TYR A 161 18.94 -10.29 -24.90
CA TYR A 161 19.95 -10.20 -25.95
C TYR A 161 21.34 -10.55 -25.42
N LYS A 162 21.70 -10.04 -24.25
CA LYS A 162 22.98 -10.33 -23.62
C LYS A 162 23.09 -11.81 -23.29
N ALA A 163 22.03 -12.40 -22.71
CA ALA A 163 22.01 -13.85 -22.42
C ALA A 163 22.25 -14.69 -23.67
N ALA A 164 21.68 -14.27 -24.79
CA ALA A 164 21.80 -15.02 -26.03
C ALA A 164 23.25 -15.14 -26.47
N PHE A 165 23.95 -14.01 -26.53
CA PHE A 165 25.38 -14.01 -26.90
C PHE A 165 26.27 -14.77 -25.90
N THR A 166 26.05 -14.58 -24.59
CA THR A 166 26.91 -15.22 -23.55
C THR A 166 26.88 -16.75 -23.63
N GLU A 167 25.71 -17.29 -23.96
CA GLU A 167 25.60 -18.68 -24.28
C GLU A 167 26.26 -18.93 -25.64
N CYS A 168 25.61 -18.55 -26.74
CA CYS A 168 25.91 -19.11 -28.08
C CYS A 168 27.18 -18.67 -28.81
N CYS A 169 27.87 -17.63 -28.32
CA CYS A 169 29.20 -17.25 -28.85
C CYS A 169 30.32 -18.08 -28.22
N GLN A 170 30.04 -18.72 -27.07
CA GLN A 170 30.97 -19.63 -26.39
C GLN A 170 30.74 -21.12 -26.80
N ALA A 171 30.19 -21.36 -28.00
CA ALA A 171 30.01 -22.70 -28.58
C ALA A 171 30.66 -22.74 -29.97
N ALA A 172 31.24 -23.88 -30.34
CA ALA A 172 32.15 -23.97 -31.49
C ALA A 172 31.50 -23.75 -32.89
N ASP A 173 30.18 -23.98 -33.01
CA ASP A 173 29.40 -23.55 -34.20
C ASP A 173 28.31 -22.54 -33.78
N LYS A 174 28.64 -21.25 -33.90
CA LYS A 174 27.91 -20.21 -33.18
C LYS A 174 26.48 -20.02 -33.74
N ALA A 175 26.38 -19.81 -35.04
CA ALA A 175 25.14 -19.36 -35.72
C ALA A 175 23.91 -20.27 -35.60
N ALA A 176 24.09 -21.58 -35.53
CA ALA A 176 22.95 -22.51 -35.41
C ALA A 176 22.21 -22.30 -34.08
N CYS A 177 22.98 -21.96 -33.05
CA CYS A 177 22.43 -21.61 -31.74
C CYS A 177 21.80 -20.21 -31.76
N LEU A 178 22.54 -19.27 -32.33
CA LEU A 178 22.30 -17.84 -32.10
C LEU A 178 21.13 -17.25 -32.87
N LEU A 179 21.03 -17.57 -34.16
CA LEU A 179 19.99 -16.99 -35.02
C LEU A 179 18.54 -17.32 -34.64
N PRO A 180 18.24 -18.58 -34.27
CA PRO A 180 16.89 -18.87 -33.74
C PRO A 180 16.56 -18.16 -32.42
N LYS A 181 17.56 -17.68 -31.67
CA LYS A 181 17.30 -16.88 -30.46
C LYS A 181 17.00 -15.44 -30.87
N LEU A 182 17.87 -14.84 -31.68
CA LEU A 182 17.64 -13.48 -32.17
C LEU A 182 16.35 -13.40 -33.00
N ASP A 183 15.98 -14.46 -33.71
CA ASP A 183 14.66 -14.53 -34.38
C ASP A 183 13.54 -14.29 -33.36
N GLU A 184 13.51 -15.07 -32.27
CA GLU A 184 12.45 -14.95 -31.24
C GLU A 184 12.36 -13.54 -30.67
N LEU A 185 13.51 -12.96 -30.30
CA LEU A 185 13.55 -11.62 -29.70
C LEU A 185 13.04 -10.50 -30.63
N ARG A 186 13.56 -10.42 -31.85
CA ARG A 186 12.96 -9.58 -32.91
C ARG A 186 11.40 -9.60 -32.89
N ASP A 187 10.82 -10.78 -32.83
CA ASP A 187 9.37 -10.97 -32.89
C ASP A 187 8.70 -10.69 -31.55
N GLU A 188 9.32 -11.08 -30.45
CA GLU A 188 8.75 -10.82 -29.12
C GLU A 188 8.81 -9.34 -28.85
N GLY A 189 9.98 -8.73 -29.04
CA GLY A 189 10.17 -7.29 -28.91
C GLY A 189 9.36 -6.36 -29.81
N LYS A 190 9.14 -6.75 -31.06
CA LYS A 190 8.27 -5.97 -31.96
C LYS A 190 6.80 -6.14 -31.60
N ALA A 191 6.42 -7.34 -31.13
CA ALA A 191 5.08 -7.62 -30.61
C ALA A 191 4.82 -6.88 -29.31
N SER A 192 5.89 -6.64 -28.55
CA SER A 192 5.82 -5.79 -27.37
C SER A 192 5.54 -4.34 -27.76
N SER A 193 6.26 -3.84 -28.76
CA SER A 193 6.11 -2.47 -29.23
C SER A 193 4.68 -2.22 -29.71
N ALA A 194 4.09 -3.20 -30.38
CA ALA A 194 2.73 -3.11 -30.92
C ALA A 194 1.59 -3.37 -29.91
N LYS A 195 1.81 -4.21 -28.88
CA LYS A 195 0.85 -4.35 -27.75
C LYS A 195 0.77 -3.00 -27.01
N GLN A 196 1.92 -2.39 -26.71
CA GLN A 196 1.99 -1.00 -26.16
C GLN A 196 1.20 -0.02 -27.04
N ARG A 197 1.45 -0.06 -28.35
CA ARG A 197 0.73 0.76 -29.32
C ARG A 197 -0.80 0.59 -29.29
N LEU A 198 -1.25 -0.63 -29.04
CA LEU A 198 -2.66 -0.98 -29.02
C LEU A 198 -3.42 -0.51 -27.77
N LYS A 199 -2.76 -0.47 -26.62
CA LYS A 199 -3.45 -0.10 -25.37
C LYS A 199 -3.79 1.37 -25.40
N CYS A 200 -2.88 2.17 -25.94
CA CYS A 200 -3.04 3.61 -25.97
C CYS A 200 -4.03 4.05 -27.02
N ALA A 201 -4.01 3.44 -28.20
CA ALA A 201 -4.97 3.80 -29.24
C ALA A 201 -6.40 3.50 -28.79
N SER A 202 -6.62 2.32 -28.21
CA SER A 202 -7.97 1.85 -27.79
C SER A 202 -8.53 2.54 -26.55
N LEU A 203 -7.67 2.94 -25.62
CA LEU A 203 -8.08 3.77 -24.48
C LEU A 203 -8.61 5.09 -25.01
N GLN A 204 -7.95 5.62 -26.06
CA GLN A 204 -8.41 6.82 -26.77
C GLN A 204 -9.66 6.56 -27.64
N LYS A 205 -9.53 5.63 -28.59
CA LYS A 205 -10.59 5.29 -29.55
C LYS A 205 -11.86 4.79 -28.89
N PHE A 206 -11.72 3.80 -28.03
CA PHE A 206 -12.88 3.08 -27.49
C PHE A 206 -13.34 3.47 -26.10
N GLY A 207 -12.54 4.29 -25.42
CA GLY A 207 -12.94 4.86 -24.13
C GLY A 207 -12.48 4.07 -22.93
N GLU A 208 -12.82 4.59 -21.76
CA GLU A 208 -12.33 4.09 -20.48
C GLU A 208 -13.17 2.94 -19.89
N ARG A 209 -14.36 2.70 -20.44
CA ARG A 209 -15.30 1.71 -19.92
C ARG A 209 -15.00 0.37 -20.56
N ALA A 210 -14.84 0.37 -21.89
CA ALA A 210 -14.32 -0.76 -22.64
C ALA A 210 -13.02 -1.33 -22.04
N PHE A 211 -12.07 -0.44 -21.78
CA PHE A 211 -10.75 -0.82 -21.23
C PHE A 211 -10.89 -1.47 -19.86
N LYS A 212 -11.75 -0.91 -19.02
CA LYS A 212 -12.03 -1.50 -17.72
C LYS A 212 -12.72 -2.85 -17.86
N ALA A 213 -13.66 -2.96 -18.78
CA ALA A 213 -14.27 -4.27 -19.03
C ALA A 213 -13.20 -5.31 -19.38
N TRP A 214 -12.33 -4.97 -20.30
CA TRP A 214 -11.25 -5.83 -20.69
C TRP A 214 -10.40 -6.24 -19.49
N ALA A 215 -10.05 -5.28 -18.63
CA ALA A 215 -9.15 -5.53 -17.47
C ALA A 215 -9.78 -6.33 -16.30
N VAL A 216 -11.03 -6.07 -15.99
CA VAL A 216 -11.84 -6.91 -15.08
C VAL A 216 -11.82 -8.36 -15.58
N ALA A 217 -11.97 -8.53 -16.90
CA ALA A 217 -11.98 -9.87 -17.45
C ALA A 217 -10.63 -10.53 -17.23
N ARG A 218 -9.56 -9.91 -17.71
CA ARG A 218 -8.25 -10.53 -17.59
C ARG A 218 -7.85 -10.79 -16.15
N LEU A 219 -8.04 -9.79 -15.29
CA LEU A 219 -7.71 -9.90 -13.86
C LEU A 219 -8.49 -10.99 -13.15
N SER A 220 -9.77 -11.15 -13.45
CA SER A 220 -10.54 -12.22 -12.81
C SER A 220 -10.11 -13.63 -13.24
N GLN A 221 -9.73 -13.79 -14.51
CA GLN A 221 -9.05 -15.02 -14.98
C GLN A 221 -7.71 -15.22 -14.29
N ARG A 222 -6.96 -14.13 -14.06
CA ARG A 222 -5.67 -14.18 -13.34
C ARG A 222 -5.77 -14.44 -11.85
N PHE A 223 -6.72 -13.79 -11.19
CA PHE A 223 -6.85 -13.86 -9.74
C PHE A 223 -8.24 -14.36 -9.33
N PRO A 224 -8.63 -15.55 -9.81
CA PRO A 224 -9.98 -16.00 -9.51
C PRO A 224 -10.36 -16.11 -8.02
N LYS A 225 -9.40 -16.12 -7.09
CA LYS A 225 -9.68 -16.24 -5.63
C LYS A 225 -9.87 -14.92 -4.96
N ALA A 226 -9.53 -13.82 -5.65
CA ALA A 226 -9.78 -12.49 -5.15
C ALA A 226 -11.27 -12.21 -5.25
N GLU A 227 -11.79 -11.37 -4.37
CA GLU A 227 -13.19 -10.95 -4.44
C GLU A 227 -13.38 -9.82 -5.46
N PHE A 228 -14.65 -9.61 -5.83
CA PHE A 228 -14.99 -8.54 -6.79
C PHE A 228 -14.50 -7.16 -6.30
N ALA A 229 -14.62 -6.89 -5.01
CA ALA A 229 -14.13 -5.63 -4.45
C ALA A 229 -12.65 -5.32 -4.76
N GLU A 230 -11.80 -6.33 -4.60
CA GLU A 230 -10.36 -6.19 -4.79
C GLU A 230 -9.99 -6.18 -6.27
N VAL A 231 -10.68 -7.00 -7.05
CA VAL A 231 -10.59 -6.96 -8.51
C VAL A 231 -11.03 -5.60 -9.06
N SER A 232 -12.16 -5.05 -8.57
CA SER A 232 -12.58 -3.69 -8.94
C SER A 232 -11.51 -2.66 -8.59
N LYS A 233 -10.96 -2.75 -7.38
CA LYS A 233 -9.90 -1.85 -6.91
C LYS A 233 -8.60 -2.00 -7.73
N LEU A 234 -8.30 -3.17 -8.26
CA LEU A 234 -7.11 -3.30 -9.11
C LEU A 234 -7.30 -2.62 -10.46
N VAL A 235 -8.46 -2.84 -11.09
CA VAL A 235 -8.78 -2.30 -12.41
C VAL A 235 -8.87 -0.76 -12.43
N THR A 236 -9.44 -0.19 -11.38
CA THR A 236 -9.50 1.24 -11.20
C THR A 236 -8.11 1.88 -11.25
N ASP A 237 -7.17 1.33 -10.51
CA ASP A 237 -5.83 1.89 -10.50
C ASP A 237 -4.99 1.57 -11.76
N LEU A 238 -5.32 0.51 -12.50
CA LEU A 238 -4.68 0.22 -13.80
C LEU A 238 -5.05 1.27 -14.85
N THR A 239 -6.35 1.51 -14.97
CA THR A 239 -6.87 2.47 -15.91
C THR A 239 -6.17 3.80 -15.72
N LYS A 240 -6.01 4.21 -14.46
CA LYS A 240 -5.25 5.41 -14.12
C LYS A 240 -3.79 5.26 -14.57
N VAL A 241 -3.18 4.12 -14.28
CA VAL A 241 -1.80 3.82 -14.69
C VAL A 241 -1.57 3.90 -16.19
N HIS A 242 -2.39 3.18 -16.96
CA HIS A 242 -2.28 3.17 -18.43
C HIS A 242 -2.73 4.48 -19.07
N THR A 243 -3.77 5.10 -18.54
CA THR A 243 -4.10 6.47 -18.92
C THR A 243 -2.88 7.37 -18.70
N GLU A 244 -2.21 7.20 -17.56
CA GLU A 244 -1.03 8.00 -17.22
C GLU A 244 0.23 7.61 -18.03
N CYS A 245 0.37 6.33 -18.37
CA CYS A 245 1.49 5.86 -19.18
C CYS A 245 1.37 6.30 -20.64
N CYS A 246 0.19 6.14 -21.24
CA CYS A 246 -0.06 6.55 -22.64
C CYS A 246 0.20 8.05 -22.90
N HIS A 247 -0.03 8.90 -21.89
CA HIS A 247 0.39 10.30 -21.92
C HIS A 247 1.91 10.49 -22.15
N GLY A 248 2.72 9.54 -21.70
CA GLY A 248 4.06 9.35 -22.27
C GLY A 248 5.24 9.68 -21.37
N ASP A 249 4.96 10.37 -20.27
CA ASP A 249 5.97 10.84 -19.33
C ASP A 249 6.51 9.62 -18.55
N LEU A 250 7.68 9.15 -18.94
CA LEU A 250 8.28 7.92 -18.39
C LEU A 250 8.30 7.84 -16.86
N LEU A 251 8.91 8.84 -16.23
CA LEU A 251 8.99 8.88 -14.77
C LEU A 251 7.63 8.79 -14.09
N GLU A 252 6.66 9.54 -14.61
CA GLU A 252 5.32 9.53 -14.05
C GLU A 252 4.69 8.15 -14.25
N CYS A 253 4.94 7.55 -15.41
CA CYS A 253 4.45 6.20 -15.73
C CYS A 253 5.03 5.13 -14.81
N ALA A 254 6.31 5.25 -14.52
CA ALA A 254 7.05 4.26 -13.76
C ALA A 254 6.70 4.29 -12.27
N ASP A 255 6.52 5.48 -11.70
CA ASP A 255 6.02 5.56 -10.32
C ASP A 255 4.59 4.99 -10.18
N ASP A 256 3.72 5.21 -11.18
CA ASP A 256 2.39 4.60 -11.19
C ASP A 256 2.46 3.07 -11.20
N ARG A 257 3.31 2.49 -12.03
CA ARG A 257 3.50 1.04 -12.03
C ARG A 257 4.17 0.50 -10.75
N ALA A 258 5.12 1.24 -10.20
CA ALA A 258 5.71 0.86 -8.94
C ALA A 258 4.72 0.93 -7.76
N ASP A 259 3.82 1.90 -7.75
CA ASP A 259 2.87 2.04 -6.63
C ASP A 259 1.78 0.97 -6.61
N LEU A 260 1.47 0.41 -7.79
CA LEU A 260 0.52 -0.68 -7.92
C LEU A 260 1.21 -2.01 -7.62
N ALA A 261 2.44 -2.17 -8.06
CA ALA A 261 3.15 -3.41 -7.79
C ALA A 261 3.27 -3.63 -6.28
N LYS A 262 3.80 -2.58 -5.61
CA LYS A 262 3.94 -2.49 -4.14
C LYS A 262 2.64 -2.69 -3.37
N TYR A 263 1.51 -2.28 -3.96
CA TYR A 263 0.19 -2.62 -3.41
C TYR A 263 -0.13 -4.11 -3.59
N ILE A 264 0.13 -4.60 -4.79
CA ILE A 264 -0.15 -5.99 -5.07
C ILE A 264 0.61 -6.93 -4.11
N CYS A 265 1.82 -6.57 -3.73
CA CYS A 265 2.65 -7.44 -2.88
C CYS A 265 2.36 -7.32 -1.38
N GLU A 266 1.85 -6.17 -0.94
CA GLU A 266 1.36 -6.03 0.44
C GLU A 266 -0.06 -6.58 0.62
N ASN A 267 -0.85 -6.71 -0.43
CA ASN A 267 -2.21 -7.27 -0.36
C ASN A 267 -2.29 -8.63 -1.04
N GLN A 268 -1.21 -9.37 -0.92
CA GLN A 268 -0.95 -10.55 -1.74
C GLN A 268 -1.86 -11.71 -1.39
N ASP A 269 -2.15 -11.86 -0.09
CA ASP A 269 -3.12 -12.85 0.39
C ASP A 269 -4.55 -12.58 -0.02
N SER A 270 -4.87 -11.31 -0.29
CA SER A 270 -6.20 -10.89 -0.79
C SER A 270 -6.38 -11.06 -2.33
N ILE A 271 -5.30 -11.38 -3.05
CA ILE A 271 -5.26 -11.37 -4.52
C ILE A 271 -4.90 -12.74 -5.08
N SER A 272 -3.73 -13.26 -4.74
CA SER A 272 -3.23 -14.49 -5.35
C SER A 272 -2.06 -15.11 -4.58
N SER A 273 -1.97 -16.43 -4.69
CA SER A 273 -0.97 -17.25 -4.03
C SER A 273 0.18 -17.55 -4.97
N LYS A 274 0.09 -17.10 -6.21
CA LYS A 274 1.14 -17.36 -7.20
C LYS A 274 2.17 -16.22 -7.33
N LEU A 275 2.14 -15.27 -6.41
CA LEU A 275 2.83 -13.96 -6.52
C LEU A 275 4.11 -13.86 -5.70
N LYS A 276 4.42 -14.90 -4.90
CA LYS A 276 5.59 -14.90 -4.00
C LYS A 276 6.88 -14.62 -4.75
N GLU A 277 7.11 -15.35 -5.84
CA GLU A 277 8.33 -15.22 -6.66
C GLU A 277 8.52 -13.80 -7.21
N CYS A 278 7.46 -13.24 -7.79
CA CYS A 278 7.48 -11.88 -8.36
C CYS A 278 7.61 -10.84 -7.29
N CYS A 279 6.98 -11.07 -6.15
CA CYS A 279 6.98 -10.10 -5.06
C CYS A 279 8.29 -9.98 -4.27
N GLU A 280 9.16 -10.98 -4.43
CA GLU A 280 10.54 -10.94 -3.92
C GLU A 280 11.55 -10.39 -4.97
N LYS A 281 11.05 -9.85 -6.09
CA LYS A 281 11.93 -9.30 -7.15
C LYS A 281 12.35 -7.86 -6.88
N PRO A 282 13.53 -7.46 -7.42
CA PRO A 282 13.95 -6.08 -7.25
C PRO A 282 13.00 -5.16 -8.02
N LEU A 283 12.65 -4.03 -7.41
CA LEU A 283 11.79 -2.96 -7.95
C LEU A 283 11.56 -2.92 -9.47
N LEU A 284 12.68 -2.92 -10.19
CA LEU A 284 12.70 -2.87 -11.65
C LEU A 284 11.96 -4.01 -12.34
N GLU A 285 12.11 -5.24 -11.83
CA GLU A 285 11.51 -6.43 -12.45
C GLU A 285 10.08 -6.70 -11.97
N LYS A 286 9.66 -6.06 -10.88
CA LYS A 286 8.49 -6.43 -10.10
C LYS A 286 7.18 -6.40 -10.88
N SER A 287 6.90 -5.23 -11.46
CA SER A 287 5.65 -4.96 -12.16
C SER A 287 5.56 -5.73 -13.47
N HIS A 288 6.69 -5.81 -14.17
CA HIS A 288 6.85 -6.69 -15.31
C HIS A 288 6.47 -8.12 -14.95
N CYS A 289 6.98 -8.60 -13.82
CA CYS A 289 6.74 -9.98 -13.38
C CYS A 289 5.28 -10.21 -13.04
N ILE A 290 4.70 -9.29 -12.27
CA ILE A 290 3.29 -9.35 -11.89
C ILE A 290 2.37 -9.43 -13.13
N ALA A 291 2.67 -8.64 -14.17
CA ALA A 291 1.89 -8.63 -15.41
C ALA A 291 1.92 -9.96 -16.19
N GLU A 292 3.00 -10.70 -16.00
CA GLU A 292 3.26 -11.96 -16.67
C GLU A 292 2.91 -13.19 -15.85
N VAL A 293 2.45 -13.05 -14.61
CA VAL A 293 2.33 -14.24 -13.76
C VAL A 293 1.09 -15.02 -14.10
N GLU A 294 1.19 -16.33 -13.86
CA GLU A 294 0.23 -17.33 -14.35
C GLU A 294 -1.05 -17.34 -13.54
N ASN A 295 -2.10 -17.85 -14.17
CA ASN A 295 -3.44 -17.79 -13.63
C ASN A 295 -3.48 -18.68 -12.42
N ASP A 296 -3.93 -18.10 -11.32
CA ASP A 296 -4.14 -18.80 -10.07
C ASP A 296 -5.30 -19.79 -10.26
N GLU A 297 -5.40 -20.78 -9.38
CA GLU A 297 -6.45 -21.81 -9.50
C GLU A 297 -7.73 -21.32 -8.85
N MET A 298 -8.84 -21.59 -9.53
CA MET A 298 -10.17 -21.15 -9.11
C MET A 298 -10.64 -21.96 -7.90
N PRO A 299 -11.29 -21.32 -6.91
CA PRO A 299 -11.90 -22.06 -5.80
C PRO A 299 -12.69 -23.28 -6.30
N ALA A 300 -12.47 -24.43 -5.69
CA ALA A 300 -13.04 -25.69 -6.16
C ALA A 300 -14.57 -25.73 -6.04
N ASP A 301 -15.10 -25.13 -4.98
CA ASP A 301 -16.53 -25.11 -4.70
C ASP A 301 -17.18 -23.87 -5.31
N LEU A 302 -17.38 -23.90 -6.64
CA LEU A 302 -17.97 -22.78 -7.39
C LEU A 302 -19.34 -23.14 -7.92
N PRO A 303 -20.35 -22.30 -7.63
CA PRO A 303 -21.69 -22.57 -8.14
C PRO A 303 -21.90 -22.30 -9.63
N SER A 304 -23.12 -22.53 -10.09
CA SER A 304 -23.61 -22.02 -11.35
C SER A 304 -23.82 -20.50 -11.23
N LEU A 305 -23.75 -19.78 -12.37
CA LEU A 305 -24.06 -18.33 -12.45
C LEU A 305 -25.57 -18.09 -12.59
N ALA A 306 -26.30 -19.16 -12.92
CA ALA A 306 -27.75 -19.13 -13.05
C ALA A 306 -28.48 -18.49 -11.86
N ALA A 307 -28.00 -18.75 -10.65
CA ALA A 307 -28.64 -18.28 -9.41
C ALA A 307 -28.67 -16.75 -9.32
N ASP A 308 -27.51 -16.11 -9.45
CA ASP A 308 -27.37 -14.65 -9.30
C ASP A 308 -27.89 -13.85 -10.52
N PHE A 309 -27.65 -14.37 -11.73
CA PHE A 309 -27.84 -13.59 -12.99
C PHE A 309 -29.02 -14.00 -13.91
N VAL A 310 -29.67 -15.15 -13.65
CA VAL A 310 -30.84 -15.58 -14.45
C VAL A 310 -32.07 -15.87 -13.56
N GLU A 311 -31.94 -16.84 -12.66
CA GLU A 311 -33.01 -17.31 -11.79
C GLU A 311 -33.59 -16.22 -10.89
N SER A 312 -32.76 -15.71 -9.97
CA SER A 312 -33.14 -14.73 -8.94
C SER A 312 -34.15 -13.67 -9.40
N LYS A 313 -35.06 -13.30 -8.50
CA LYS A 313 -35.72 -11.99 -8.56
C LYS A 313 -34.62 -11.01 -8.20
N ASP A 314 -34.86 -9.71 -8.30
CA ASP A 314 -33.80 -8.74 -8.00
C ASP A 314 -32.61 -8.90 -8.94
N VAL A 315 -32.88 -9.21 -10.21
CA VAL A 315 -31.88 -9.28 -11.28
C VAL A 315 -31.92 -7.95 -12.01
N CYS A 316 -33.12 -7.52 -12.42
CA CYS A 316 -33.32 -6.17 -12.97
C CYS A 316 -33.17 -5.07 -11.91
N LYS A 317 -33.61 -5.34 -10.67
CA LYS A 317 -33.43 -4.41 -9.57
C LYS A 317 -31.94 -4.18 -9.27
N ASN A 318 -31.18 -5.27 -9.17
CA ASN A 318 -29.74 -5.18 -9.04
C ASN A 318 -29.09 -4.61 -10.29
N TYR A 319 -29.64 -4.92 -11.46
CA TYR A 319 -29.13 -4.34 -12.70
C TYR A 319 -29.29 -2.82 -12.73
N ALA A 320 -30.51 -2.33 -12.46
CA ALA A 320 -30.81 -0.91 -12.59
C ALA A 320 -30.15 -0.06 -11.51
N GLU A 321 -29.90 -0.63 -10.34
CA GLU A 321 -29.19 0.08 -9.26
C GLU A 321 -27.79 0.57 -9.64
N ALA A 322 -27.12 -0.19 -10.49
CA ALA A 322 -25.79 0.19 -10.98
C ALA A 322 -25.44 -0.70 -12.16
N LYS A 323 -25.84 -0.27 -13.36
CA LYS A 323 -25.71 -1.09 -14.57
C LYS A 323 -24.34 -1.68 -14.77
N ASP A 324 -23.30 -0.84 -14.67
CA ASP A 324 -21.94 -1.30 -14.94
C ASP A 324 -21.37 -2.17 -13.82
N VAL A 325 -21.69 -1.87 -12.57
CA VAL A 325 -21.27 -2.71 -11.45
C VAL A 325 -21.86 -4.12 -11.59
N PHE A 326 -23.12 -4.19 -12.00
CA PHE A 326 -23.77 -5.49 -12.09
C PHE A 326 -23.10 -6.27 -13.20
N LEU A 327 -22.94 -5.62 -14.34
CA LEU A 327 -22.29 -6.23 -15.50
C LEU A 327 -20.83 -6.61 -15.24
N GLY A 328 -20.13 -5.85 -14.40
CA GLY A 328 -18.76 -6.20 -13.97
C GLY A 328 -18.69 -7.38 -13.04
N MET A 329 -19.69 -7.53 -12.17
CA MET A 329 -19.85 -8.77 -11.39
C MET A 329 -20.13 -10.00 -12.26
N PHE A 330 -20.87 -9.81 -13.34
CA PHE A 330 -21.09 -10.88 -14.26
C PHE A 330 -19.78 -11.29 -14.91
N LEU A 331 -19.12 -10.32 -15.55
CA LEU A 331 -17.81 -10.56 -16.18
C LEU A 331 -16.84 -11.27 -15.26
N TYR A 332 -16.71 -10.75 -14.06
CA TYR A 332 -15.88 -11.35 -13.04
C TYR A 332 -16.22 -12.82 -12.82
N GLU A 333 -17.48 -13.09 -12.49
CA GLU A 333 -17.87 -14.43 -12.10
C GLU A 333 -17.69 -15.36 -13.30
N TYR A 334 -18.10 -14.90 -14.49
CA TYR A 334 -17.94 -15.70 -15.71
C TYR A 334 -16.44 -15.85 -16.02
N ALA A 335 -15.66 -14.78 -15.88
CA ALA A 335 -14.25 -14.84 -16.27
C ALA A 335 -13.45 -15.76 -15.36
N ARG A 336 -13.77 -15.79 -14.08
CA ARG A 336 -12.96 -16.56 -13.13
C ARG A 336 -13.20 -18.08 -13.21
N ARG A 337 -14.33 -18.47 -13.78
CA ARG A 337 -14.62 -19.86 -14.10
C ARG A 337 -14.06 -20.29 -15.43
N HIS A 338 -13.55 -19.37 -16.25
CA HIS A 338 -13.14 -19.69 -17.61
C HIS A 338 -11.85 -18.99 -18.07
N PRO A 339 -10.70 -19.42 -17.52
CA PRO A 339 -9.40 -18.97 -18.06
C PRO A 339 -9.15 -19.53 -19.47
N ASP A 340 -9.83 -20.62 -19.82
CA ASP A 340 -9.79 -21.19 -21.16
C ASP A 340 -10.33 -20.27 -22.23
N TYR A 341 -11.14 -19.28 -21.88
CA TYR A 341 -11.60 -18.30 -22.88
C TYR A 341 -10.62 -17.15 -23.08
N SER A 342 -10.74 -16.56 -24.27
CA SER A 342 -10.09 -15.31 -24.58
C SER A 342 -10.89 -14.22 -23.87
N VAL A 343 -10.25 -13.08 -23.64
CA VAL A 343 -10.93 -11.99 -22.98
C VAL A 343 -12.06 -11.51 -23.88
N VAL A 344 -11.76 -11.34 -25.17
CA VAL A 344 -12.77 -10.85 -26.10
C VAL A 344 -14.05 -11.67 -26.06
N LEU A 345 -13.98 -13.00 -26.04
CA LEU A 345 -15.23 -13.78 -26.05
C LEU A 345 -16.03 -13.53 -24.79
N LEU A 346 -15.34 -13.29 -23.69
CA LEU A 346 -16.01 -12.99 -22.43
C LEU A 346 -16.74 -11.65 -22.49
N LEU A 347 -16.14 -10.68 -23.17
CA LEU A 347 -16.83 -9.39 -23.45
C LEU A 347 -17.97 -9.51 -24.44
N ARG A 348 -17.89 -10.45 -25.39
CA ARG A 348 -19.04 -10.75 -26.23
C ARG A 348 -20.21 -11.25 -25.37
N LEU A 349 -19.91 -12.11 -24.41
CA LEU A 349 -20.92 -12.69 -23.52
C LEU A 349 -21.48 -11.65 -22.53
N ALA A 350 -20.61 -10.81 -21.98
CA ALA A 350 -21.06 -9.67 -21.18
C ALA A 350 -21.91 -8.68 -21.97
N LYS A 351 -21.54 -8.41 -23.23
CA LYS A 351 -22.38 -7.56 -24.05
C LYS A 351 -23.70 -8.24 -24.36
N THR A 352 -23.69 -9.58 -24.57
CA THR A 352 -24.92 -10.35 -24.87
C THR A 352 -25.89 -10.31 -23.70
N TYR A 353 -25.37 -10.56 -22.51
CA TYR A 353 -26.16 -10.37 -21.31
C TYR A 353 -26.65 -8.89 -21.18
N GLU A 354 -25.78 -7.91 -21.45
CA GLU A 354 -26.16 -6.47 -21.39
C GLU A 354 -27.42 -6.14 -22.18
N THR A 355 -27.40 -6.48 -23.48
CA THR A 355 -28.49 -6.12 -24.41
C THR A 355 -29.80 -6.91 -24.14
N THR A 356 -29.71 -8.14 -23.65
CA THR A 356 -30.91 -8.83 -23.23
C THR A 356 -31.58 -8.09 -22.07
N LEU A 357 -30.81 -7.48 -21.17
CA LEU A 357 -31.41 -6.84 -20.00
C LEU A 357 -32.06 -5.53 -20.40
N GLU A 358 -31.39 -4.76 -21.23
CA GLU A 358 -31.98 -3.57 -21.84
C GLU A 358 -33.38 -3.82 -22.41
N LYS A 359 -33.48 -4.89 -23.21
CA LYS A 359 -34.73 -5.34 -23.79
C LYS A 359 -35.65 -5.96 -22.70
N CYS A 360 -35.13 -6.95 -21.96
CA CYS A 360 -35.96 -7.80 -21.07
C CYS A 360 -36.41 -7.15 -19.78
N CYS A 361 -35.59 -6.27 -19.20
CA CYS A 361 -35.99 -5.54 -18.01
C CYS A 361 -37.03 -4.43 -18.29
N ALA A 362 -37.27 -4.09 -19.56
CA ALA A 362 -38.29 -3.12 -19.96
C ALA A 362 -39.48 -3.73 -20.71
N ALA A 363 -39.69 -5.03 -20.59
CA ALA A 363 -40.96 -5.66 -20.94
C ALA A 363 -41.84 -5.66 -19.68
N ALA A 364 -43.12 -6.03 -19.86
CA ALA A 364 -44.03 -6.21 -18.72
C ALA A 364 -43.66 -7.46 -17.89
N ASP A 365 -42.95 -8.39 -18.54
CA ASP A 365 -42.49 -9.62 -17.92
C ASP A 365 -41.00 -9.85 -18.24
N PRO A 366 -40.10 -9.43 -17.34
CA PRO A 366 -38.68 -9.73 -17.58
C PRO A 366 -38.25 -11.20 -17.37
N HIS A 367 -38.61 -11.81 -16.27
CA HIS A 367 -38.03 -13.11 -15.86
C HIS A 367 -38.16 -14.25 -16.91
N GLU A 368 -39.20 -14.16 -17.74
CA GLU A 368 -39.41 -15.13 -18.83
C GLU A 368 -38.70 -14.70 -20.11
N CYS A 369 -38.51 -13.40 -20.29
CA CYS A 369 -37.72 -12.87 -21.40
C CYS A 369 -36.26 -13.35 -21.38
N TYR A 370 -35.62 -13.31 -20.22
CA TYR A 370 -34.17 -13.62 -20.10
C TYR A 370 -33.85 -15.01 -19.55
N ALA A 371 -34.88 -15.74 -19.06
CA ALA A 371 -34.81 -17.19 -18.78
C ALA A 371 -33.85 -17.94 -19.66
N LYS A 372 -33.85 -17.63 -20.95
CA LYS A 372 -32.96 -18.27 -21.92
C LYS A 372 -31.64 -17.52 -22.28
N VAL A 373 -31.16 -16.60 -21.46
CA VAL A 373 -30.01 -15.78 -21.90
C VAL A 373 -28.74 -16.65 -22.15
N PHE A 374 -28.57 -17.71 -21.37
CA PHE A 374 -27.38 -18.60 -21.42
C PHE A 374 -27.31 -19.53 -22.63
N ASP A 375 -28.45 -19.76 -23.26
CA ASP A 375 -28.48 -20.44 -24.56
C ASP A 375 -27.88 -19.51 -25.65
N GLU A 376 -27.97 -18.17 -25.48
CA GLU A 376 -27.29 -17.21 -26.38
C GLU A 376 -25.74 -17.17 -26.25
N PHE A 377 -25.19 -17.72 -25.17
CA PHE A 377 -23.72 -17.88 -25.03
C PHE A 377 -23.19 -19.09 -25.79
N LYS A 378 -24.06 -20.10 -25.93
CA LYS A 378 -23.72 -21.36 -26.63
C LYS A 378 -22.99 -21.14 -27.98
N PRO A 379 -23.61 -20.44 -28.95
CA PRO A 379 -22.97 -20.27 -30.27
C PRO A 379 -21.81 -19.27 -30.34
N LEU A 380 -21.73 -18.33 -29.41
CA LEU A 380 -20.57 -17.42 -29.31
C LEU A 380 -19.36 -18.15 -28.74
N VAL A 381 -19.57 -19.02 -27.76
CA VAL A 381 -18.49 -19.86 -27.27
C VAL A 381 -17.95 -20.71 -28.39
N GLU A 382 -18.83 -21.43 -29.08
CA GLU A 382 -18.39 -22.50 -30.02
C GLU A 382 -17.74 -21.98 -31.31
N GLU A 383 -18.03 -20.73 -31.69
CA GLU A 383 -17.49 -20.11 -32.91
C GLU A 383 -15.96 -19.89 -32.96
N PRO A 384 -15.33 -19.52 -31.85
CA PRO A 384 -13.86 -19.54 -31.82
C PRO A 384 -13.26 -20.93 -31.53
N GLN A 385 -13.99 -21.82 -30.84
CA GLN A 385 -13.49 -23.17 -30.55
C GLN A 385 -13.40 -23.99 -31.82
N ASN A 386 -14.44 -23.91 -32.64
CA ASN A 386 -14.49 -24.67 -33.90
C ASN A 386 -13.51 -24.13 -34.94
N LEU A 387 -13.18 -22.84 -34.88
CA LEU A 387 -12.12 -22.30 -35.74
C LEU A 387 -10.77 -22.79 -35.27
N ILE A 388 -10.57 -22.92 -33.97
CA ILE A 388 -9.31 -23.47 -33.46
C ILE A 388 -9.26 -25.01 -33.67
N LYS A 389 -10.38 -25.70 -33.52
CA LYS A 389 -10.44 -27.11 -33.86
C LYS A 389 -10.03 -27.30 -35.32
N GLN A 390 -10.59 -26.48 -36.21
CA GLN A 390 -10.49 -26.71 -37.65
C GLN A 390 -9.12 -26.34 -38.21
N ASN A 391 -8.65 -25.14 -37.91
CA ASN A 391 -7.34 -24.70 -38.37
C ASN A 391 -6.20 -25.62 -37.86
N CYS A 392 -6.26 -26.03 -36.60
CA CYS A 392 -5.19 -26.78 -35.97
C CYS A 392 -5.17 -28.26 -36.38
N GLU A 393 -6.33 -28.81 -36.68
CA GLU A 393 -6.45 -30.15 -37.28
C GLU A 393 -5.79 -30.13 -38.67
N LEU A 394 -6.12 -29.11 -39.46
CA LEU A 394 -5.46 -28.79 -40.75
C LEU A 394 -3.95 -28.64 -40.63
N PHE A 395 -3.52 -27.81 -39.68
CA PHE A 395 -2.11 -27.63 -39.36
C PHE A 395 -1.41 -28.93 -38.95
N GLU A 396 -2.14 -29.87 -38.35
CA GLU A 396 -1.60 -31.21 -38.02
C GLU A 396 -1.39 -32.11 -39.26
N GLN A 397 -2.19 -31.90 -40.31
CA GLN A 397 -2.09 -32.63 -41.58
C GLN A 397 -0.91 -32.13 -42.42
N LEU A 398 -0.96 -30.84 -42.77
CA LEU A 398 0.09 -30.18 -43.55
C LEU A 398 1.04 -29.65 -42.50
N GLY A 399 2.31 -29.47 -42.82
CA GLY A 399 3.23 -28.95 -41.80
C GLY A 399 2.93 -27.48 -41.62
N GLU A 400 3.83 -26.74 -40.98
CA GLU A 400 3.71 -25.28 -40.91
C GLU A 400 3.66 -24.67 -42.31
N TYR A 401 4.67 -25.02 -43.10
CA TYR A 401 4.90 -24.37 -44.38
C TYR A 401 3.71 -24.55 -45.33
N LYS A 402 3.25 -25.77 -45.50
CA LYS A 402 2.09 -25.99 -46.35
C LYS A 402 0.84 -25.37 -45.75
N PHE A 403 0.78 -25.27 -44.43
CA PHE A 403 -0.33 -24.58 -43.75
C PHE A 403 -0.31 -23.09 -44.06
N GLN A 404 0.87 -22.47 -44.16
CA GLN A 404 1.00 -21.06 -44.60
C GLN A 404 0.52 -20.87 -46.05
N ASN A 405 0.75 -21.89 -46.88
CA ASN A 405 0.27 -21.88 -48.26
C ASN A 405 -1.21 -22.22 -48.36
N ALA A 406 -1.71 -23.09 -47.49
CA ALA A 406 -3.16 -23.25 -47.33
C ALA A 406 -3.79 -21.91 -47.03
N LEU A 407 -3.21 -21.19 -46.07
CA LEU A 407 -3.73 -19.89 -45.65
C LEU A 407 -3.57 -18.81 -46.71
N LEU A 408 -2.59 -18.97 -47.59
CA LEU A 408 -2.23 -17.94 -48.55
C LEU A 408 -3.28 -17.84 -49.65
N VAL A 409 -3.67 -19.00 -50.16
CA VAL A 409 -4.81 -19.15 -51.07
C VAL A 409 -6.11 -18.65 -50.42
N ARG A 410 -6.30 -18.97 -49.15
CA ARG A 410 -7.49 -18.51 -48.41
C ARG A 410 -7.71 -16.98 -48.42
N TYR A 411 -6.76 -16.22 -47.89
CA TYR A 411 -6.91 -14.77 -47.74
C TYR A 411 -6.57 -13.96 -49.00
N THR A 412 -6.02 -14.60 -50.03
CA THR A 412 -5.80 -13.96 -51.32
C THR A 412 -7.10 -13.93 -52.11
N LYS A 413 -7.85 -15.03 -52.10
CA LYS A 413 -9.22 -15.05 -52.69
C LYS A 413 -10.25 -14.14 -51.95
N LYS A 414 -10.08 -13.91 -50.66
CA LYS A 414 -11.03 -13.04 -49.91
C LYS A 414 -10.70 -11.55 -50.09
N VAL A 415 -9.43 -11.19 -50.05
CA VAL A 415 -8.99 -9.81 -50.32
C VAL A 415 -7.82 -9.82 -51.32
N PRO A 416 -8.10 -10.08 -52.60
CA PRO A 416 -7.09 -10.05 -53.66
C PRO A 416 -6.52 -8.69 -53.98
N GLN A 417 -7.21 -7.61 -53.59
CA GLN A 417 -6.75 -6.25 -53.84
C GLN A 417 -5.57 -5.80 -52.96
N VAL A 418 -5.14 -6.65 -52.04
CA VAL A 418 -3.99 -6.36 -51.17
C VAL A 418 -2.69 -6.61 -51.95
N SER A 419 -1.63 -5.87 -51.63
CA SER A 419 -0.33 -6.04 -52.27
C SER A 419 0.29 -7.41 -51.89
N THR A 420 0.94 -8.04 -52.86
CA THR A 420 1.51 -9.39 -52.70
C THR A 420 2.44 -9.54 -51.49
N PRO A 421 3.36 -8.56 -51.26
CA PRO A 421 4.21 -8.69 -50.07
C PRO A 421 3.47 -8.71 -48.73
N THR A 422 2.31 -8.03 -48.65
CA THR A 422 1.52 -8.00 -47.42
C THR A 422 0.85 -9.37 -47.21
N LEU A 423 0.17 -9.87 -48.23
CA LEU A 423 -0.49 -11.19 -48.15
C LEU A 423 0.49 -12.30 -47.74
N VAL A 424 1.76 -12.09 -48.04
CA VAL A 424 2.82 -13.02 -47.70
C VAL A 424 3.15 -12.85 -46.21
N GLU A 425 3.56 -11.65 -45.80
CA GLU A 425 3.93 -11.40 -44.42
C GLU A 425 2.82 -11.86 -43.45
N VAL A 426 1.58 -11.45 -43.71
CA VAL A 426 0.46 -11.84 -42.85
C VAL A 426 0.22 -13.36 -42.80
N SER A 427 0.38 -14.03 -43.94
CA SER A 427 0.08 -15.47 -44.00
C SER A 427 1.17 -16.31 -43.38
N ARG A 428 2.42 -15.91 -43.54
CA ARG A 428 3.52 -16.60 -42.88
C ARG A 428 3.38 -16.36 -41.38
N ASN A 429 3.11 -15.11 -40.98
CA ASN A 429 2.87 -14.70 -39.56
C ASN A 429 1.82 -15.60 -38.90
N LEU A 430 0.65 -15.69 -39.54
CA LEU A 430 -0.43 -16.57 -39.08
C LEU A 430 0.07 -18.01 -38.89
N GLY A 431 0.94 -18.46 -39.78
CA GLY A 431 1.51 -19.79 -39.68
C GLY A 431 2.12 -20.08 -38.32
N LYS A 432 2.94 -19.14 -37.86
CA LYS A 432 3.65 -19.27 -36.60
C LYS A 432 2.72 -19.25 -35.40
N VAL A 433 1.62 -18.50 -35.48
CA VAL A 433 0.56 -18.59 -34.45
C VAL A 433 -0.21 -19.90 -34.57
N GLY A 434 -0.23 -20.51 -35.76
CA GLY A 434 -0.55 -21.93 -35.87
C GLY A 434 0.38 -22.80 -35.03
N SER A 435 1.69 -22.67 -35.27
CA SER A 435 2.69 -23.55 -34.64
C SER A 435 2.53 -23.55 -33.13
N LYS A 436 2.67 -22.35 -32.56
CA LYS A 436 2.77 -22.19 -31.12
C LYS A 436 1.48 -22.59 -30.43
N CYS A 437 0.36 -22.05 -30.91
CA CYS A 437 -0.91 -22.20 -30.21
C CYS A 437 -1.55 -23.56 -30.41
N CYS A 438 -1.36 -24.21 -31.56
CA CYS A 438 -1.89 -25.58 -31.76
C CYS A 438 -1.08 -26.68 -31.05
N LYS A 439 0.11 -26.33 -30.56
CA LYS A 439 0.87 -27.14 -29.61
C LYS A 439 0.44 -26.99 -28.12
N HIS A 440 -0.59 -26.19 -27.84
CA HIS A 440 -1.16 -26.08 -26.48
C HIS A 440 -2.35 -27.03 -26.31
N PRO A 441 -2.70 -27.37 -25.05
CA PRO A 441 -3.96 -28.08 -24.79
C PRO A 441 -5.17 -27.21 -25.02
N GLU A 442 -6.27 -27.86 -25.37
CA GLU A 442 -7.52 -27.19 -25.75
C GLU A 442 -7.95 -26.08 -24.77
N ALA A 443 -7.83 -26.35 -23.47
CA ALA A 443 -8.25 -25.41 -22.45
C ALA A 443 -7.26 -24.26 -22.26
N LYS A 444 -6.30 -24.15 -23.18
CA LYS A 444 -5.32 -23.12 -23.13
C LYS A 444 -5.05 -22.51 -24.51
N ARG A 445 -5.79 -22.92 -25.53
CA ARG A 445 -5.57 -22.41 -26.88
C ARG A 445 -6.11 -21.00 -27.10
N MET A 446 -7.39 -20.80 -26.79
CA MET A 446 -8.11 -19.58 -27.18
C MET A 446 -7.46 -18.29 -26.68
N PRO A 447 -6.85 -18.31 -25.46
CA PRO A 447 -6.08 -17.15 -25.02
C PRO A 447 -4.77 -16.97 -25.76
N CYS A 448 -4.13 -18.05 -26.20
CA CYS A 448 -2.92 -17.92 -27.03
C CYS A 448 -3.20 -17.11 -28.30
N ALA A 449 -4.12 -17.63 -29.10
CA ALA A 449 -4.50 -17.03 -30.38
C ALA A 449 -5.01 -15.60 -30.25
N GLU A 450 -5.84 -15.34 -29.25
CA GLU A 450 -6.23 -13.96 -28.99
C GLU A 450 -5.01 -13.02 -28.90
N ASP A 451 -3.98 -13.39 -28.17
CA ASP A 451 -2.88 -12.45 -27.92
C ASP A 451 -2.09 -12.20 -29.22
N TYR A 452 -1.89 -13.26 -29.99
CA TYR A 452 -1.12 -13.19 -31.24
C TYR A 452 -1.90 -12.59 -32.42
N LEU A 453 -3.21 -12.84 -32.50
CA LEU A 453 -4.02 -12.25 -33.56
C LEU A 453 -4.20 -10.76 -33.36
N SER A 454 -4.65 -10.34 -32.18
CA SER A 454 -4.66 -8.91 -31.86
C SER A 454 -3.38 -8.18 -32.30
N VAL A 455 -2.24 -8.86 -32.16
CA VAL A 455 -0.96 -8.37 -32.63
C VAL A 455 -0.91 -8.30 -34.17
N VAL A 456 -1.23 -9.42 -34.81
CA VAL A 456 -1.14 -9.53 -36.28
C VAL A 456 -2.20 -8.68 -36.97
N LEU A 457 -3.36 -8.55 -36.31
CA LEU A 457 -4.50 -7.79 -36.82
C LEU A 457 -4.39 -6.28 -36.59
N ASN A 458 -3.68 -5.85 -35.57
CA ASN A 458 -3.43 -4.42 -35.39
C ASN A 458 -2.40 -3.90 -36.38
N GLN A 459 -1.36 -4.69 -36.63
CA GLN A 459 -0.36 -4.36 -37.66
C GLN A 459 -1.02 -4.26 -39.01
N LEU A 460 -1.79 -5.29 -39.35
CA LEU A 460 -2.62 -5.29 -40.55
C LEU A 460 -3.43 -4.00 -40.72
N CYS A 461 -4.07 -3.58 -39.62
CA CYS A 461 -4.97 -2.43 -39.61
C CYS A 461 -4.33 -1.04 -39.42
N VAL A 462 -3.02 -0.93 -39.65
CA VAL A 462 -2.40 0.39 -39.85
C VAL A 462 -1.58 0.43 -41.15
N LEU A 463 -0.95 -0.69 -41.53
CA LEU A 463 -0.57 -0.93 -42.94
C LEU A 463 -1.71 -0.55 -43.88
N HIS A 464 -2.95 -0.79 -43.45
CA HIS A 464 -4.17 -0.47 -44.19
C HIS A 464 -4.68 0.96 -44.09
N GLU A 465 -4.61 1.58 -42.91
CA GLU A 465 -5.03 2.98 -42.82
C GLU A 465 -3.95 3.89 -43.46
N LYS A 466 -2.72 3.39 -43.56
CA LYS A 466 -1.68 4.03 -44.37
C LYS A 466 -2.00 3.94 -45.85
N THR A 467 -2.22 2.72 -46.33
CA THR A 467 -2.32 2.40 -47.77
C THR A 467 -3.63 1.64 -48.10
N PRO A 468 -4.80 2.31 -47.93
CA PRO A 468 -6.10 1.59 -48.04
C PRO A 468 -6.34 0.92 -49.40
N VAL A 469 -7.35 0.06 -49.44
CA VAL A 469 -7.53 -0.84 -50.57
C VAL A 469 -8.97 -1.34 -50.64
N SER A 470 -9.40 -2.05 -49.61
CA SER A 470 -10.74 -2.60 -49.56
C SER A 470 -11.56 -1.92 -48.49
N ASP A 471 -12.78 -1.55 -48.87
CA ASP A 471 -13.81 -1.18 -47.91
C ASP A 471 -13.92 -2.21 -46.76
N ARG A 472 -13.98 -3.49 -47.10
CA ARG A 472 -14.33 -4.55 -46.13
C ARG A 472 -13.29 -4.67 -45.03
N VAL A 473 -12.03 -4.62 -45.42
CA VAL A 473 -10.94 -4.63 -44.46
C VAL A 473 -10.94 -3.32 -43.67
N THR A 474 -11.30 -2.19 -44.27
CA THR A 474 -11.50 -0.97 -43.47
C THR A 474 -12.64 -1.15 -42.43
N LYS A 475 -13.66 -1.95 -42.75
CA LYS A 475 -14.75 -2.17 -41.83
C LYS A 475 -14.25 -2.87 -40.56
N CYS A 476 -13.59 -4.01 -40.72
CA CYS A 476 -13.04 -4.76 -39.60
C CYS A 476 -12.09 -3.93 -38.73
N CYS A 477 -11.27 -3.10 -39.36
CA CYS A 477 -10.29 -2.27 -38.64
C CYS A 477 -10.88 -1.06 -37.86
N THR A 478 -11.95 -0.46 -38.37
CA THR A 478 -12.69 0.57 -37.64
C THR A 478 -13.87 0.00 -36.83
N GLU A 479 -13.94 -1.33 -36.73
CA GLU A 479 -14.93 -2.04 -35.90
C GLU A 479 -14.40 -2.17 -34.47
N SER A 480 -15.34 -2.42 -33.56
CA SER A 480 -15.03 -2.82 -32.19
C SER A 480 -13.97 -3.92 -32.10
N LEU A 481 -13.03 -3.75 -31.18
CA LEU A 481 -12.04 -4.77 -30.85
C LEU A 481 -12.71 -6.05 -30.38
N VAL A 482 -13.94 -5.91 -29.89
CA VAL A 482 -14.79 -7.04 -29.57
C VAL A 482 -15.13 -7.91 -30.82
N ASN A 483 -15.53 -7.27 -31.93
CA ASN A 483 -15.88 -7.97 -33.18
C ASN A 483 -14.79 -7.93 -34.27
N ARG A 484 -13.69 -7.26 -34.02
CA ARG A 484 -12.65 -7.09 -35.03
C ARG A 484 -12.27 -8.41 -35.72
N ARG A 485 -12.06 -9.47 -34.93
CA ARG A 485 -11.70 -10.81 -35.43
C ARG A 485 -12.81 -11.64 -36.16
N PRO A 486 -14.01 -11.79 -35.57
CA PRO A 486 -15.13 -12.40 -36.29
C PRO A 486 -15.43 -11.76 -37.65
N CYS A 487 -15.35 -10.42 -37.68
CA CYS A 487 -15.47 -9.60 -38.90
C CYS A 487 -14.50 -10.08 -39.96
N PHE A 488 -13.26 -10.30 -39.55
CA PHE A 488 -12.24 -10.82 -40.44
C PHE A 488 -12.46 -12.28 -40.81
N SER A 489 -12.96 -13.05 -39.85
CA SER A 489 -13.32 -14.45 -40.09
C SER A 489 -14.51 -14.59 -41.05
N ALA A 490 -15.32 -13.53 -41.16
CA ALA A 490 -16.52 -13.50 -42.00
C ALA A 490 -16.34 -12.93 -43.39
N LEU A 491 -15.11 -12.58 -43.79
CA LEU A 491 -14.89 -12.13 -45.15
C LEU A 491 -15.02 -13.37 -46.04
N GLU A 492 -15.77 -13.23 -47.13
CA GLU A 492 -15.96 -14.32 -48.09
C GLU A 492 -15.10 -14.01 -49.30
N VAL A 493 -15.08 -14.91 -50.28
CA VAL A 493 -14.36 -14.67 -51.54
C VAL A 493 -14.93 -13.46 -52.32
N ASP A 494 -14.01 -12.62 -52.78
CA ASP A 494 -14.33 -11.44 -53.57
C ASP A 494 -14.70 -11.85 -54.99
N GLU A 495 -16.00 -11.80 -55.30
CA GLU A 495 -16.53 -11.98 -56.67
C GLU A 495 -16.66 -10.67 -57.49
N THR A 496 -16.31 -9.52 -56.89
CA THR A 496 -16.14 -8.24 -57.61
C THR A 496 -14.73 -8.10 -58.23
N TYR A 497 -13.85 -9.07 -57.94
CA TYR A 497 -12.46 -9.02 -58.40
C TYR A 497 -12.35 -9.33 -59.89
N VAL A 498 -11.63 -8.47 -60.61
CA VAL A 498 -11.33 -8.67 -62.03
C VAL A 498 -9.95 -9.30 -62.11
N PRO A 499 -9.83 -10.52 -62.66
CA PRO A 499 -8.52 -11.19 -62.76
C PRO A 499 -7.40 -10.32 -63.38
N LYS A 500 -6.21 -10.33 -62.77
CA LYS A 500 -5.12 -9.45 -63.23
C LYS A 500 -4.44 -10.00 -64.49
N GLU A 501 -3.79 -9.08 -65.21
CA GLU A 501 -3.15 -9.40 -66.48
C GLU A 501 -1.97 -10.34 -66.22
N PHE A 502 -1.95 -11.45 -66.95
CA PHE A 502 -0.85 -12.41 -67.00
C PHE A 502 0.49 -11.72 -67.24
N ASN A 503 1.53 -12.23 -66.59
CA ASN A 503 2.89 -11.69 -66.72
C ASN A 503 3.89 -12.84 -66.51
N ALA A 504 4.83 -12.98 -67.45
CA ALA A 504 5.81 -14.07 -67.44
C ALA A 504 6.86 -13.86 -66.38
N GLU A 505 7.43 -12.65 -66.32
CA GLU A 505 8.46 -12.29 -65.32
C GLU A 505 8.07 -12.76 -63.92
N THR A 506 6.77 -12.63 -63.61
CA THR A 506 6.20 -13.12 -62.37
C THR A 506 6.42 -14.64 -62.26
N PHE A 507 6.05 -15.36 -63.32
CA PHE A 507 6.18 -16.81 -63.35
C PHE A 507 7.44 -17.33 -64.05
N THR A 508 8.45 -16.47 -64.19
CA THR A 508 9.80 -16.90 -64.56
C THR A 508 10.59 -17.17 -63.29
N PHE A 509 11.44 -18.20 -63.34
CA PHE A 509 12.31 -18.59 -62.23
C PHE A 509 13.72 -18.91 -62.74
N HIS A 510 14.73 -18.33 -62.09
CA HIS A 510 16.14 -18.52 -62.45
C HIS A 510 16.82 -19.46 -61.46
N ALA A 511 18.07 -19.82 -61.74
CA ALA A 511 18.79 -20.82 -60.91
C ALA A 511 19.04 -20.38 -59.47
N ASP A 512 18.96 -19.07 -59.21
CA ASP A 512 18.99 -18.47 -57.86
C ASP A 512 18.06 -19.08 -56.78
N ILE A 513 17.01 -19.79 -57.18
CA ILE A 513 16.13 -20.52 -56.22
C ILE A 513 16.88 -21.65 -55.49
N CYS A 514 17.75 -22.39 -56.19
CA CYS A 514 18.52 -23.45 -55.54
C CYS A 514 19.46 -22.90 -54.47
N THR A 515 20.01 -21.69 -54.70
CA THR A 515 21.04 -21.10 -53.83
C THR A 515 20.51 -20.27 -52.64
N LEU A 516 19.25 -19.83 -52.66
CA LEU A 516 18.67 -19.09 -51.53
C LEU A 516 18.39 -20.05 -50.38
N SER A 517 18.28 -19.49 -49.18
CA SER A 517 17.92 -20.24 -47.96
C SER A 517 16.44 -20.64 -47.92
N GLU A 518 16.12 -21.72 -47.21
CA GLU A 518 14.72 -22.14 -46.99
C GLU A 518 13.80 -20.95 -46.70
N LYS A 519 14.28 -19.98 -45.92
CA LYS A 519 13.53 -18.74 -45.66
C LYS A 519 13.07 -18.07 -46.96
N GLU A 520 14.03 -17.77 -47.83
CA GLU A 520 13.76 -16.97 -49.03
C GLU A 520 13.37 -17.82 -50.25
N ARG A 521 13.80 -19.08 -50.27
CA ARG A 521 13.19 -20.10 -51.15
C ARG A 521 11.68 -20.02 -50.98
N GLN A 522 11.25 -20.09 -49.73
CA GLN A 522 9.84 -20.07 -49.41
C GLN A 522 9.12 -18.75 -49.77
N ILE A 523 9.73 -17.59 -49.53
CA ILE A 523 9.08 -16.29 -49.88
C ILE A 523 8.84 -16.19 -51.40
N LYS A 524 9.85 -16.63 -52.18
CA LYS A 524 9.77 -16.70 -53.64
C LYS A 524 8.61 -17.58 -54.09
N LYS A 525 8.56 -18.83 -53.64
CA LYS A 525 7.50 -19.78 -54.01
C LYS A 525 6.09 -19.28 -53.66
N GLN A 526 6.01 -18.51 -52.57
CA GLN A 526 4.77 -18.02 -52.00
C GLN A 526 4.30 -16.72 -52.66
N THR A 527 5.24 -15.85 -53.02
CA THR A 527 4.96 -14.64 -53.83
C THR A 527 4.34 -15.05 -55.18
N ALA A 528 4.82 -16.18 -55.72
CA ALA A 528 4.33 -16.73 -56.99
C ALA A 528 2.98 -17.39 -56.81
N LEU A 529 2.82 -18.14 -55.72
CA LEU A 529 1.50 -18.63 -55.30
C LEU A 529 0.42 -17.53 -55.23
N VAL A 530 0.78 -16.35 -54.74
CA VAL A 530 -0.18 -15.23 -54.55
C VAL A 530 -0.58 -14.64 -55.89
N GLU A 531 0.43 -14.30 -56.68
CA GLU A 531 0.24 -13.82 -58.04
C GLU A 531 -0.47 -14.87 -58.93
N LEU A 532 -0.16 -16.15 -58.76
CA LEU A 532 -0.92 -17.25 -59.41
C LEU A 532 -2.41 -17.23 -59.12
N VAL A 533 -2.76 -17.01 -57.84
CA VAL A 533 -4.17 -16.93 -57.47
C VAL A 533 -4.72 -15.55 -57.88
N LYS A 534 -3.89 -14.51 -57.81
CA LYS A 534 -4.32 -13.21 -58.35
C LYS A 534 -4.63 -13.27 -59.86
N HIS A 535 -3.84 -14.04 -60.61
CA HIS A 535 -4.07 -14.21 -62.06
C HIS A 535 -5.37 -14.95 -62.28
N LYS A 536 -5.50 -16.14 -61.69
CA LYS A 536 -6.70 -16.98 -61.86
C LYS A 536 -7.41 -17.23 -60.52
N PRO A 537 -8.08 -16.19 -59.99
CA PRO A 537 -8.71 -16.28 -58.68
C PRO A 537 -9.77 -17.36 -58.57
N LYS A 538 -10.58 -17.58 -59.59
CA LYS A 538 -11.62 -18.62 -59.53
C LYS A 538 -11.06 -20.07 -59.70
N ALA A 539 -9.87 -20.35 -59.17
CA ALA A 539 -9.18 -21.62 -59.40
C ALA A 539 -9.42 -22.60 -58.27
N THR A 540 -9.74 -23.83 -58.65
CA THR A 540 -10.04 -24.93 -57.74
C THR A 540 -8.75 -25.44 -57.06
N LYS A 541 -8.88 -26.13 -55.92
CA LYS A 541 -7.71 -26.58 -55.16
C LYS A 541 -7.32 -28.07 -55.35
N GLU A 542 -8.03 -28.74 -56.24
CA GLU A 542 -7.52 -29.95 -56.90
C GLU A 542 -6.56 -29.52 -58.02
N GLN A 543 -7.03 -28.58 -58.84
CA GLN A 543 -6.23 -27.85 -59.85
C GLN A 543 -4.95 -27.21 -59.30
N LEU A 544 -5.10 -26.45 -58.20
CA LEU A 544 -3.97 -25.75 -57.57
C LEU A 544 -2.95 -26.69 -56.97
N LYS A 545 -3.40 -27.81 -56.39
CA LYS A 545 -2.49 -28.88 -55.91
C LYS A 545 -1.64 -29.43 -57.07
N ALA A 546 -2.29 -29.67 -58.20
CA ALA A 546 -1.65 -30.19 -59.40
C ALA A 546 -0.53 -29.28 -59.86
N VAL A 547 -0.82 -27.98 -59.94
CA VAL A 547 0.18 -26.96 -60.36
C VAL A 547 1.35 -26.95 -59.37
N MET A 548 1.03 -26.85 -58.08
CA MET A 548 2.07 -26.92 -57.04
C MET A 548 2.90 -28.20 -57.18
N ASP A 549 2.25 -29.34 -57.47
CA ASP A 549 2.95 -30.63 -57.60
C ASP A 549 4.01 -30.62 -58.72
N ASP A 550 3.61 -30.04 -59.85
CA ASP A 550 4.48 -29.95 -61.02
C ASP A 550 5.63 -28.99 -60.76
N PHE A 551 5.37 -27.92 -60.01
CA PHE A 551 6.41 -26.97 -59.61
C PHE A 551 7.43 -27.61 -58.69
N ALA A 552 6.95 -28.39 -57.71
CA ALA A 552 7.83 -29.10 -56.77
C ALA A 552 8.81 -29.99 -57.52
N ALA A 553 8.27 -30.80 -58.43
CA ALA A 553 9.07 -31.66 -59.33
C ALA A 553 9.97 -30.86 -60.26
N PHE A 554 9.45 -29.75 -60.81
CA PHE A 554 10.19 -28.83 -61.68
C PHE A 554 11.44 -28.23 -61.04
N VAL A 555 11.31 -27.71 -59.83
CA VAL A 555 12.43 -27.02 -59.15
C VAL A 555 13.49 -28.03 -58.71
N GLU A 556 13.06 -29.18 -58.18
CA GLU A 556 14.00 -30.23 -57.84
C GLU A 556 14.67 -30.74 -59.10
N LYS A 557 13.92 -30.94 -60.18
CA LYS A 557 14.48 -31.39 -61.49
C LYS A 557 15.70 -30.54 -61.89
N CYS A 558 15.56 -29.22 -61.79
CA CYS A 558 16.63 -28.30 -62.17
C CYS A 558 17.66 -28.04 -61.08
N CYS A 559 17.32 -28.23 -59.80
CA CYS A 559 18.33 -28.27 -58.73
C CYS A 559 19.01 -29.67 -58.60
N LYS A 560 18.47 -30.68 -59.30
CA LYS A 560 19.05 -32.03 -59.35
C LYS A 560 19.31 -32.43 -60.82
N ALA A 561 20.07 -31.58 -61.52
CA ALA A 561 20.50 -31.84 -62.90
C ALA A 561 21.80 -31.10 -63.19
N ASP A 562 22.68 -31.73 -63.96
CA ASP A 562 23.84 -31.03 -64.55
C ASP A 562 23.31 -29.98 -65.51
N ASP A 563 23.96 -28.80 -65.53
CA ASP A 563 23.46 -27.63 -66.28
C ASP A 563 22.12 -27.18 -65.65
N LYS A 564 22.22 -26.21 -64.74
CA LYS A 564 21.11 -25.78 -63.89
C LYS A 564 20.18 -24.81 -64.61
N GLU A 565 20.73 -23.71 -65.13
CA GLU A 565 19.90 -22.66 -65.70
C GLU A 565 19.16 -23.08 -66.96
N THR A 566 19.82 -23.85 -67.82
CA THR A 566 19.18 -24.29 -69.07
C THR A 566 17.97 -25.20 -68.81
N CYS A 567 18.00 -25.95 -67.72
CA CYS A 567 16.82 -26.69 -67.25
C CYS A 567 15.70 -25.71 -66.92
N PHE A 568 16.01 -24.74 -66.06
CA PHE A 568 15.02 -23.78 -65.55
C PHE A 568 14.26 -23.05 -66.65
N ALA A 569 14.98 -22.58 -67.67
CA ALA A 569 14.34 -21.99 -68.85
C ALA A 569 13.58 -23.03 -69.70
N GLU A 570 14.20 -24.19 -69.92
CA GLU A 570 13.62 -25.25 -70.76
C GLU A 570 12.34 -25.80 -70.15
N GLU A 571 12.44 -26.29 -68.92
CA GLU A 571 11.31 -26.82 -68.17
C GLU A 571 10.29 -25.76 -67.80
N GLY A 572 10.77 -24.59 -67.38
CA GLY A 572 9.90 -23.49 -66.93
C GLY A 572 8.90 -23.02 -67.96
N LYS A 573 9.32 -22.96 -69.22
CA LYS A 573 8.40 -22.70 -70.33
C LYS A 573 7.32 -23.80 -70.37
N LYS A 574 7.73 -25.07 -70.22
CA LYS A 574 6.78 -26.20 -70.19
C LYS A 574 5.79 -26.12 -69.02
N LEU A 575 6.25 -25.63 -67.88
CA LEU A 575 5.38 -25.45 -66.70
C LEU A 575 4.30 -24.40 -66.91
N VAL A 576 4.69 -23.19 -67.29
CA VAL A 576 3.76 -22.05 -67.45
C VAL A 576 2.59 -22.39 -68.39
N ALA A 577 2.93 -22.83 -69.59
CA ALA A 577 1.93 -23.18 -70.61
C ALA A 577 1.06 -24.38 -70.18
N ALA A 578 1.69 -25.40 -69.60
CA ALA A 578 1.00 -26.61 -69.11
C ALA A 578 -0.06 -26.26 -68.10
N SER A 579 0.34 -25.43 -67.16
CA SER A 579 -0.56 -24.90 -66.15
C SER A 579 -1.62 -23.99 -66.77
N GLN A 580 -1.20 -23.05 -67.62
CA GLN A 580 -2.17 -22.16 -68.26
C GLN A 580 -3.33 -22.90 -68.94
N ALA A 581 -3.09 -24.12 -69.43
CA ALA A 581 -4.15 -24.97 -70.00
C ALA A 581 -4.74 -25.98 -69.01
N ALA A 582 -3.93 -26.46 -68.05
CA ALA A 582 -4.43 -27.30 -66.96
C ALA A 582 -5.55 -26.60 -66.17
N LEU A 583 -5.49 -25.27 -66.14
CA LEU A 583 -6.59 -24.44 -65.72
C LEU A 583 -7.71 -24.42 -66.76
N HIS B 3 -8.95 -20.87 6.23
CA HIS B 3 -9.85 -19.70 6.51
C HIS B 3 -10.83 -19.42 5.34
N LYS B 4 -11.57 -20.47 4.95
CA LYS B 4 -12.71 -20.35 4.04
C LYS B 4 -13.83 -19.57 4.70
N SER B 5 -13.95 -19.71 6.02
CA SER B 5 -14.85 -18.88 6.83
C SER B 5 -14.05 -18.11 7.87
N GLU B 6 -14.19 -16.78 7.88
CA GLU B 6 -13.46 -15.92 8.81
C GLU B 6 -14.02 -15.98 10.24
N VAL B 7 -15.34 -15.93 10.43
CA VAL B 7 -15.91 -16.14 11.78
C VAL B 7 -15.46 -17.47 12.39
N ALA B 8 -15.56 -18.58 11.67
CA ALA B 8 -15.25 -19.88 12.26
C ALA B 8 -13.84 -19.82 12.83
N HIS B 9 -12.93 -19.34 12.00
CA HIS B 9 -11.51 -19.25 12.34
C HIS B 9 -11.31 -18.43 13.59
N ARG B 10 -11.97 -17.27 13.64
CA ARG B 10 -11.89 -16.40 14.81
C ARG B 10 -12.45 -17.04 16.08
N PHE B 11 -13.58 -17.71 15.95
CA PHE B 11 -14.28 -18.35 17.05
C PHE B 11 -13.47 -19.48 17.69
N LYS B 12 -12.68 -20.19 16.89
CA LYS B 12 -11.77 -21.23 17.39
C LYS B 12 -10.51 -20.64 18.01
N ASP B 13 -9.95 -19.58 17.41
CA ASP B 13 -8.79 -18.85 17.98
C ASP B 13 -9.09 -18.23 19.35
N LEU B 14 -10.22 -17.54 19.46
CA LEU B 14 -10.57 -16.82 20.68
C LEU B 14 -11.26 -17.74 21.66
N GLY B 15 -12.21 -18.51 21.16
CA GLY B 15 -13.02 -19.36 21.99
C GLY B 15 -14.26 -18.63 22.44
N GLU B 16 -15.28 -19.42 22.74
CA GLU B 16 -16.62 -18.92 22.87
C GLU B 16 -16.73 -17.69 23.76
N GLU B 17 -16.23 -17.78 24.98
CA GLU B 17 -16.43 -16.67 25.95
C GLU B 17 -15.74 -15.40 25.57
N ASN B 18 -14.48 -15.48 25.15
CA ASN B 18 -13.77 -14.33 24.55
C ASN B 18 -14.51 -13.68 23.31
N PHE B 19 -15.12 -14.52 22.46
CA PHE B 19 -15.77 -14.07 21.20
C PHE B 19 -17.04 -13.29 21.52
N LYS B 20 -17.90 -13.91 22.33
CA LYS B 20 -19.09 -13.24 22.87
C LYS B 20 -18.70 -11.87 23.51
N ALA B 21 -17.68 -11.85 24.37
CA ALA B 21 -17.23 -10.62 24.98
C ALA B 21 -16.67 -9.57 24.01
N LEU B 22 -15.95 -9.98 22.96
CA LEU B 22 -15.38 -9.00 21.99
C LEU B 22 -16.48 -8.42 21.06
N VAL B 23 -17.45 -9.25 20.68
CA VAL B 23 -18.56 -8.85 19.84
C VAL B 23 -19.43 -7.85 20.56
N LEU B 24 -19.64 -8.05 21.87
CA LEU B 24 -20.38 -7.07 22.67
C LEU B 24 -19.62 -5.76 22.68
N ILE B 25 -18.34 -5.79 23.02
CA ILE B 25 -17.55 -4.57 23.06
C ILE B 25 -17.63 -3.89 21.68
N ALA B 26 -17.45 -4.65 20.60
CA ALA B 26 -17.39 -4.05 19.27
C ALA B 26 -18.69 -3.38 18.84
N PHE B 27 -19.84 -4.06 18.97
CA PHE B 27 -21.13 -3.42 18.69
C PHE B 27 -21.53 -2.32 19.72
N ALA B 28 -21.10 -2.42 20.97
CA ALA B 28 -21.32 -1.31 21.94
C ALA B 28 -20.56 -0.04 21.58
N GLN B 29 -19.43 -0.15 20.86
CA GLN B 29 -18.67 1.01 20.44
C GLN B 29 -19.35 1.80 19.29
N TYR B 30 -20.26 1.16 18.55
CA TYR B 30 -20.93 1.77 17.39
C TYR B 30 -22.39 2.09 17.63
N LEU B 31 -23.12 1.18 18.28
CA LEU B 31 -24.49 1.39 18.70
C LEU B 31 -24.49 1.85 20.14
N GLN B 32 -23.96 3.05 20.36
CA GLN B 32 -23.65 3.60 21.70
C GLN B 32 -24.88 3.99 22.52
N GLN B 33 -25.98 4.26 21.86
CA GLN B 33 -27.22 4.64 22.53
C GLN B 33 -28.16 3.42 22.69
N CYS B 34 -27.95 2.35 21.92
CA CYS B 34 -28.92 1.24 21.90
C CYS B 34 -28.75 0.48 23.21
N PRO B 35 -29.85 -0.02 23.80
CA PRO B 35 -29.81 -0.58 25.15
C PRO B 35 -29.16 -2.00 25.25
N PHE B 36 -28.62 -2.32 26.44
CA PHE B 36 -27.92 -3.60 26.72
C PHE B 36 -28.60 -4.89 26.19
N GLU B 37 -29.93 -4.97 26.27
CA GLU B 37 -30.67 -6.18 25.91
C GLU B 37 -30.71 -6.38 24.39
N ASP B 38 -30.55 -5.29 23.62
CA ASP B 38 -30.41 -5.37 22.16
C ASP B 38 -29.05 -5.95 21.78
N HIS B 39 -28.02 -5.56 22.53
CA HIS B 39 -26.67 -6.12 22.37
C HIS B 39 -26.54 -7.59 22.76
N VAL B 40 -27.13 -8.02 23.88
CA VAL B 40 -27.16 -9.46 24.27
C VAL B 40 -27.76 -10.26 23.10
N LYS B 41 -28.86 -9.75 22.54
CA LYS B 41 -29.57 -10.42 21.44
C LYS B 41 -28.78 -10.38 20.13
N LEU B 42 -28.10 -9.28 19.89
CA LEU B 42 -27.19 -9.16 18.74
C LEU B 42 -25.97 -10.12 18.85
N VAL B 43 -25.32 -10.12 20.02
CA VAL B 43 -24.23 -11.03 20.36
C VAL B 43 -24.63 -12.53 20.34
N ASN B 44 -25.88 -12.86 20.65
CA ASN B 44 -26.36 -14.27 20.58
C ASN B 44 -26.66 -14.74 19.15
N GLU B 45 -27.28 -13.88 18.37
CA GLU B 45 -27.51 -14.14 16.98
C GLU B 45 -26.17 -14.41 16.29
N VAL B 46 -25.26 -13.44 16.41
CA VAL B 46 -23.95 -13.49 15.78
C VAL B 46 -23.18 -14.71 16.21
N THR B 47 -23.25 -15.04 17.51
CA THR B 47 -22.66 -16.29 18.08
C THR B 47 -23.35 -17.59 17.59
N GLU B 48 -24.68 -17.59 17.41
CA GLU B 48 -25.37 -18.75 16.80
C GLU B 48 -24.89 -18.92 15.37
N PHE B 49 -24.72 -17.80 14.69
CA PHE B 49 -24.16 -17.83 13.36
C PHE B 49 -22.72 -18.37 13.38
N ALA B 50 -21.90 -17.87 14.30
CA ALA B 50 -20.51 -18.34 14.40
C ALA B 50 -20.39 -19.89 14.58
N LYS B 51 -21.21 -20.50 15.44
CA LYS B 51 -21.20 -21.98 15.65
C LYS B 51 -21.52 -22.75 14.38
N THR B 52 -22.55 -22.28 13.68
CA THR B 52 -22.91 -22.73 12.34
C THR B 52 -21.69 -22.94 11.45
N CYS B 53 -20.80 -21.94 11.43
CA CYS B 53 -19.60 -21.98 10.62
C CYS B 53 -18.52 -22.90 11.15
N VAL B 54 -18.41 -23.02 12.47
CA VAL B 54 -17.45 -23.97 13.04
C VAL B 54 -17.87 -25.35 12.57
N ALA B 55 -19.13 -25.71 12.80
CA ALA B 55 -19.68 -26.99 12.33
C ALA B 55 -19.46 -27.24 10.83
N ASP B 56 -19.67 -26.20 10.01
CA ASP B 56 -19.56 -26.31 8.54
C ASP B 56 -19.14 -25.00 7.90
N GLU B 57 -17.88 -24.94 7.43
CA GLU B 57 -17.31 -23.75 6.79
C GLU B 57 -17.89 -23.38 5.39
N SER B 58 -18.79 -24.23 4.86
CA SER B 58 -19.49 -23.99 3.57
C SER B 58 -20.97 -23.68 3.75
N ALA B 59 -21.48 -23.65 4.98
CA ALA B 59 -22.88 -23.28 5.24
C ALA B 59 -23.16 -21.80 4.95
N GLU B 60 -24.44 -21.46 4.97
CA GLU B 60 -24.92 -20.10 4.68
C GLU B 60 -24.03 -18.98 5.19
N ASN B 61 -23.65 -18.08 4.29
CA ASN B 61 -22.93 -16.83 4.60
C ASN B 61 -21.59 -16.98 5.32
N CYS B 62 -21.11 -18.20 5.54
CA CYS B 62 -19.85 -18.41 6.29
C CYS B 62 -18.64 -17.95 5.48
N ASP B 63 -18.74 -17.95 4.15
CA ASP B 63 -17.69 -17.42 3.27
C ASP B 63 -17.44 -15.89 3.35
N LYS B 64 -18.37 -15.14 3.95
CA LYS B 64 -18.27 -13.68 4.02
C LYS B 64 -17.13 -13.23 4.93
N SER B 65 -16.69 -11.99 4.70
CA SER B 65 -15.72 -11.32 5.54
C SER B 65 -16.33 -10.88 6.87
N LEU B 66 -15.48 -10.58 7.84
CA LEU B 66 -15.93 -10.10 9.15
C LEU B 66 -16.48 -8.67 9.05
N HIS B 67 -15.81 -7.81 8.27
CA HIS B 67 -16.31 -6.46 7.96
C HIS B 67 -17.68 -6.49 7.24
N THR B 68 -17.88 -7.45 6.35
CA THR B 68 -19.18 -7.64 5.72
C THR B 68 -20.27 -8.09 6.71
N LEU B 69 -19.96 -9.06 7.56
CA LEU B 69 -20.91 -9.56 8.59
C LEU B 69 -21.27 -8.46 9.60
N PHE B 70 -20.24 -7.73 10.02
CA PHE B 70 -20.36 -6.64 10.96
C PHE B 70 -21.36 -5.57 10.53
N GLY B 71 -21.17 -5.06 9.31
CA GLY B 71 -22.01 -4.01 8.74
C GLY B 71 -23.43 -4.42 8.36
N ASP B 72 -23.60 -5.65 7.90
CA ASP B 72 -24.94 -6.21 7.70
C ASP B 72 -25.71 -6.24 9.04
N LYS B 73 -25.04 -6.62 10.14
CA LYS B 73 -25.69 -6.59 11.47
C LYS B 73 -26.07 -5.16 11.88
N LEU B 74 -25.12 -4.24 11.74
CA LEU B 74 -25.38 -2.82 12.00
C LEU B 74 -26.60 -2.36 11.21
N CYS B 75 -26.69 -2.78 9.96
CA CYS B 75 -27.75 -2.32 9.06
C CYS B 75 -29.10 -3.05 9.24
N THR B 76 -29.12 -4.22 9.91
CA THR B 76 -30.40 -4.88 10.28
C THR B 76 -31.01 -4.30 11.56
N VAL B 77 -30.24 -3.51 12.32
CA VAL B 77 -30.79 -2.70 13.43
C VAL B 77 -31.88 -1.77 12.84
N ALA B 78 -33.11 -1.93 13.31
CA ALA B 78 -34.28 -1.29 12.67
C ALA B 78 -34.44 0.18 13.04
N THR B 79 -34.02 0.50 14.26
CA THR B 79 -34.09 1.84 14.79
C THR B 79 -32.97 2.75 14.28
N LEU B 80 -32.08 2.22 13.43
CA LEU B 80 -30.81 2.87 13.09
C LEU B 80 -30.92 4.27 12.38
N ARG B 81 -31.80 4.43 11.39
CA ARG B 81 -32.05 5.79 10.82
C ARG B 81 -32.63 6.76 11.87
N GLU B 82 -33.58 6.29 12.68
CA GLU B 82 -34.21 7.11 13.70
C GLU B 82 -33.26 7.47 14.84
N THR B 83 -32.30 6.62 15.13
CA THR B 83 -31.43 6.84 16.28
C THR B 83 -30.06 7.41 15.92
N TYR B 84 -29.47 6.94 14.82
CA TYR B 84 -28.14 7.38 14.39
C TYR B 84 -28.14 8.22 13.10
N GLY B 85 -29.14 8.01 12.25
CA GLY B 85 -29.46 8.95 11.17
C GLY B 85 -28.50 8.94 10.01
N GLU B 86 -27.39 9.65 10.20
CA GLU B 86 -26.34 9.73 9.19
C GLU B 86 -25.64 8.39 9.01
N MET B 87 -25.44 7.68 10.12
CA MET B 87 -24.88 6.33 10.13
C MET B 87 -25.68 5.35 9.24
N ALA B 88 -27.01 5.46 9.20
CA ALA B 88 -27.82 4.54 8.37
C ALA B 88 -27.68 4.71 6.85
N ASP B 89 -27.10 5.84 6.42
CA ASP B 89 -26.76 6.12 5.00
C ASP B 89 -25.51 5.39 4.52
N CYS B 90 -24.60 5.08 5.43
CA CYS B 90 -23.52 4.14 5.13
C CYS B 90 -24.06 2.78 4.64
N CYS B 91 -25.27 2.40 5.06
CA CYS B 91 -25.86 1.13 4.66
C CYS B 91 -26.29 1.03 3.21
N ALA B 92 -26.40 2.16 2.49
CA ALA B 92 -26.75 2.17 1.06
C ALA B 92 -25.49 2.17 0.16
N LYS B 93 -24.48 1.37 0.53
CA LYS B 93 -23.16 1.37 -0.12
C LYS B 93 -22.57 -0.03 -0.31
N GLN B 94 -21.55 -0.10 -1.17
CA GLN B 94 -20.82 -1.34 -1.48
C GLN B 94 -19.68 -1.54 -0.48
N GLU B 95 -19.28 -2.79 -0.32
CA GLU B 95 -18.54 -3.30 0.85
C GLU B 95 -17.25 -2.59 1.28
N PRO B 96 -16.35 -2.23 0.34
CA PRO B 96 -15.14 -1.52 0.82
C PRO B 96 -15.48 -0.16 1.46
N GLU B 97 -16.36 0.59 0.81
CA GLU B 97 -16.61 2.01 1.10
C GLU B 97 -17.64 2.21 2.22
N ARG B 98 -18.60 1.31 2.32
CA ARG B 98 -19.47 1.20 3.49
C ARG B 98 -18.68 1.12 4.81
N ASN B 99 -17.68 0.23 4.83
CA ASN B 99 -16.86 0.03 6.01
C ASN B 99 -16.20 1.35 6.41
N GLU B 100 -15.62 2.07 5.46
CA GLU B 100 -14.97 3.38 5.75
C GLU B 100 -15.95 4.44 6.26
N CYS B 101 -17.22 4.36 5.87
CA CYS B 101 -18.27 5.25 6.37
C CYS B 101 -18.64 5.07 7.87
N PHE B 102 -18.58 3.84 8.38
CA PHE B 102 -18.86 3.61 9.81
C PHE B 102 -17.82 4.19 10.78
N LEU B 103 -16.55 4.09 10.39
CA LEU B 103 -15.45 4.66 11.18
C LEU B 103 -15.57 6.16 11.34
N GLN B 104 -16.07 6.81 10.28
CA GLN B 104 -16.28 8.27 10.29
C GLN B 104 -17.42 8.69 11.20
N HIS B 105 -18.53 7.97 11.16
CA HIS B 105 -19.71 8.29 11.97
C HIS B 105 -19.74 7.64 13.35
N LYS B 106 -18.58 7.19 13.81
CA LYS B 106 -18.40 6.79 15.20
C LYS B 106 -18.43 8.09 15.99
N ASP B 107 -19.41 8.21 16.88
CA ASP B 107 -19.46 9.30 17.84
C ASP B 107 -18.34 9.11 18.85
N ASP B 108 -17.60 10.18 19.17
CA ASP B 108 -16.67 10.17 20.31
C ASP B 108 -17.40 10.79 21.46
N ASN B 109 -17.09 10.34 22.67
CA ASN B 109 -17.75 10.83 23.91
C ASN B 109 -19.20 11.32 23.70
N PRO B 110 -20.16 10.39 23.69
CA PRO B 110 -21.56 10.77 23.53
C PRO B 110 -22.12 11.35 24.82
N ASN B 111 -23.31 11.93 24.74
CA ASN B 111 -23.98 12.50 25.90
C ASN B 111 -24.54 11.35 26.74
N LEU B 112 -23.68 10.79 27.57
CA LEU B 112 -24.09 9.82 28.56
C LEU B 112 -23.63 10.38 29.90
N PRO B 113 -24.47 10.22 30.95
CA PRO B 113 -24.08 10.68 32.28
C PRO B 113 -22.94 9.83 32.85
N ARG B 114 -22.17 10.38 33.79
CA ARG B 114 -21.07 9.62 34.40
C ARG B 114 -21.59 8.33 35.07
N LEU B 115 -20.77 7.29 35.06
CA LEU B 115 -21.14 6.00 35.65
C LEU B 115 -20.95 6.04 37.14
N VAL B 116 -22.01 5.81 37.91
CA VAL B 116 -21.93 5.85 39.38
C VAL B 116 -21.45 4.49 39.84
N ARG B 117 -20.43 4.48 40.70
CA ARG B 117 -19.96 3.26 41.34
C ARG B 117 -20.96 2.91 42.45
N PRO B 118 -21.81 1.87 42.24
CA PRO B 118 -22.74 1.52 43.32
C PRO B 118 -22.00 1.18 44.60
N GLU B 119 -22.71 1.11 45.72
CA GLU B 119 -22.07 0.78 47.00
C GLU B 119 -21.51 -0.66 46.97
N VAL B 120 -20.45 -0.90 47.75
CA VAL B 120 -19.78 -2.19 47.75
C VAL B 120 -20.74 -3.37 48.03
N ASP B 121 -21.77 -3.12 48.84
CA ASP B 121 -22.82 -4.10 49.14
C ASP B 121 -23.67 -4.40 47.89
N VAL B 122 -24.01 -3.34 47.18
CA VAL B 122 -24.81 -3.41 45.95
C VAL B 122 -24.07 -4.26 44.94
N MET B 123 -22.78 -3.93 44.81
CA MET B 123 -21.92 -4.58 43.83
C MET B 123 -21.84 -6.08 44.06
N CYS B 124 -21.31 -6.45 45.22
CA CYS B 124 -21.09 -7.87 45.53
C CYS B 124 -22.36 -8.73 45.47
N THR B 125 -23.52 -8.14 45.75
CA THR B 125 -24.78 -8.85 45.61
C THR B 125 -25.11 -9.14 44.13
N ALA B 126 -24.95 -8.13 43.29
CA ALA B 126 -25.19 -8.31 41.87
C ALA B 126 -24.19 -9.31 41.27
N PHE B 127 -22.93 -9.20 41.69
CA PHE B 127 -21.89 -10.16 41.34
C PHE B 127 -22.23 -11.61 41.69
N HIS B 128 -22.90 -11.84 42.81
CA HIS B 128 -23.33 -13.19 43.19
C HIS B 128 -24.51 -13.64 42.37
N ASP B 129 -25.53 -12.79 42.30
CA ASP B 129 -26.84 -13.18 41.80
C ASP B 129 -26.86 -13.42 40.28
N ASN B 130 -26.17 -12.55 39.53
CA ASN B 130 -26.18 -12.62 38.08
C ASN B 130 -24.84 -12.12 37.55
N GLU B 131 -23.82 -12.97 37.65
CA GLU B 131 -22.44 -12.51 37.44
C GLU B 131 -22.14 -12.12 36.00
N GLU B 132 -22.52 -12.97 35.05
CA GLU B 132 -22.36 -12.68 33.62
C GLU B 132 -22.95 -11.30 33.31
N THR B 133 -24.27 -11.12 33.50
CA THR B 133 -24.90 -9.83 33.10
C THR B 133 -24.55 -8.63 34.01
N PHE B 134 -23.99 -8.87 35.20
CA PHE B 134 -23.40 -7.79 35.99
C PHE B 134 -22.13 -7.29 35.29
N LEU B 135 -21.27 -8.24 34.89
CA LEU B 135 -20.00 -7.92 34.19
C LEU B 135 -20.17 -7.46 32.74
N LYS B 136 -21.08 -8.10 32.03
CA LYS B 136 -21.36 -7.75 30.66
C LYS B 136 -22.09 -6.40 30.58
N LYS B 137 -23.03 -6.14 31.49
CA LYS B 137 -23.71 -4.82 31.48
C LYS B 137 -22.70 -3.67 31.67
N TYR B 138 -21.78 -3.76 32.64
CA TYR B 138 -20.82 -2.65 32.86
C TYR B 138 -19.61 -2.66 31.90
N LEU B 139 -19.45 -3.73 31.13
CA LEU B 139 -18.57 -3.75 29.95
C LEU B 139 -19.26 -3.01 28.77
N TYR B 140 -20.56 -3.22 28.66
CA TYR B 140 -21.36 -2.50 27.69
C TYR B 140 -21.32 -1.03 28.02
N GLU B 141 -21.41 -0.72 29.32
CA GLU B 141 -21.43 0.65 29.79
C GLU B 141 -20.11 1.38 29.57
N ILE B 142 -18.96 0.73 29.82
CA ILE B 142 -17.64 1.39 29.67
C ILE B 142 -17.35 1.61 28.19
N ALA B 143 -17.65 0.59 27.38
CA ALA B 143 -17.37 0.58 25.94
C ALA B 143 -18.03 1.72 25.16
N ARG B 144 -19.33 1.89 25.39
CA ARG B 144 -20.11 2.92 24.71
C ARG B 144 -19.60 4.35 25.03
N ARG B 145 -19.01 4.53 26.20
CA ARG B 145 -18.42 5.83 26.60
C ARG B 145 -16.95 5.99 26.14
N HIS B 146 -16.26 4.86 25.89
CA HIS B 146 -14.90 4.81 25.32
C HIS B 146 -14.90 4.05 23.95
N PRO B 147 -15.50 4.67 22.90
CA PRO B 147 -15.62 3.99 21.62
C PRO B 147 -14.30 3.68 20.91
N TYR B 148 -13.26 4.47 21.18
CA TYR B 148 -11.95 4.31 20.54
C TYR B 148 -10.96 3.51 21.38
N PHE B 149 -11.41 2.95 22.49
CA PHE B 149 -10.55 2.21 23.41
C PHE B 149 -10.41 0.82 22.79
N TYR B 150 -9.17 0.39 22.58
CA TYR B 150 -8.90 -0.84 21.83
C TYR B 150 -9.67 -1.99 22.49
N ALA B 151 -10.47 -2.70 21.72
CA ALA B 151 -11.39 -3.72 22.29
C ALA B 151 -10.76 -4.87 23.11
N PRO B 152 -9.65 -5.47 22.63
CA PRO B 152 -9.02 -6.53 23.46
C PRO B 152 -8.43 -6.06 24.79
N GLU B 153 -7.97 -4.82 24.87
CA GLU B 153 -7.36 -4.28 26.08
C GLU B 153 -8.46 -3.94 27.11
N LEU B 154 -9.56 -3.40 26.62
CA LEU B 154 -10.77 -3.24 27.43
C LEU B 154 -11.24 -4.56 28.08
N LEU B 155 -11.22 -5.65 27.32
CA LEU B 155 -11.54 -7.00 27.83
C LEU B 155 -10.51 -7.50 28.86
N PHE B 156 -9.25 -7.19 28.59
CA PHE B 156 -8.15 -7.52 29.51
C PHE B 156 -8.41 -6.82 30.85
N PHE B 157 -8.85 -5.56 30.84
CA PHE B 157 -9.28 -4.90 32.10
C PHE B 157 -10.46 -5.57 32.77
N ALA B 158 -11.45 -6.01 31.98
CA ALA B 158 -12.68 -6.65 32.49
C ALA B 158 -12.39 -7.92 33.28
N LYS B 159 -11.39 -8.66 32.85
CA LYS B 159 -10.98 -9.86 33.57
C LYS B 159 -10.37 -9.55 34.94
N ARG B 160 -9.73 -8.38 35.04
CA ARG B 160 -9.09 -7.91 36.28
C ARG B 160 -10.08 -7.34 37.26
N TYR B 161 -11.10 -6.68 36.75
CA TYR B 161 -12.24 -6.30 37.58
C TYR B 161 -12.87 -7.58 38.12
N LYS B 162 -13.25 -8.48 37.21
CA LYS B 162 -13.76 -9.84 37.50
C LYS B 162 -12.98 -10.58 38.58
N ALA B 163 -11.66 -10.45 38.56
CA ALA B 163 -10.76 -11.08 39.55
C ALA B 163 -10.69 -10.35 40.90
N ALA B 164 -10.82 -9.03 40.90
CA ALA B 164 -10.83 -8.26 42.15
C ALA B 164 -12.10 -8.53 42.96
N PHE B 165 -13.25 -8.55 42.29
CA PHE B 165 -14.51 -8.98 42.90
C PHE B 165 -14.45 -10.43 43.37
N THR B 166 -13.90 -11.33 42.57
CA THR B 166 -13.86 -12.75 42.93
C THR B 166 -13.06 -12.97 44.22
N GLU B 167 -12.01 -12.19 44.40
CA GLU B 167 -11.28 -12.15 45.67
C GLU B 167 -12.13 -11.53 46.78
N CYS B 168 -12.53 -10.29 46.59
CA CYS B 168 -12.92 -9.42 47.70
C CYS B 168 -14.31 -9.63 48.29
N CYS B 169 -15.27 -10.02 47.45
CA CYS B 169 -16.64 -10.33 47.92
C CYS B 169 -16.73 -11.66 48.71
N GLN B 170 -15.62 -12.41 48.80
CA GLN B 170 -15.50 -13.61 49.65
C GLN B 170 -14.70 -13.34 50.94
N ALA B 171 -14.68 -12.08 51.41
CA ALA B 171 -14.04 -11.70 52.66
C ALA B 171 -15.00 -10.78 53.43
N ALA B 172 -15.20 -11.05 54.72
CA ALA B 172 -16.30 -10.41 55.49
C ALA B 172 -16.20 -8.86 55.67
N ASP B 173 -15.00 -8.30 55.48
CA ASP B 173 -14.79 -6.86 55.33
C ASP B 173 -14.44 -6.57 53.85
N LYS B 174 -15.48 -6.38 53.03
CA LYS B 174 -15.34 -6.33 51.58
C LYS B 174 -14.71 -5.02 51.12
N ALA B 175 -15.37 -3.92 51.46
CA ALA B 175 -15.07 -2.59 50.94
C ALA B 175 -13.65 -2.07 51.18
N ALA B 176 -12.93 -2.58 52.17
CA ALA B 176 -11.50 -2.23 52.33
C ALA B 176 -10.58 -3.04 51.41
N CYS B 177 -11.03 -4.24 51.02
CA CYS B 177 -10.34 -5.06 50.00
C CYS B 177 -10.56 -4.51 48.60
N LEU B 178 -11.76 -4.02 48.33
CA LEU B 178 -12.25 -3.77 46.99
C LEU B 178 -12.03 -2.36 46.47
N LEU B 179 -12.23 -1.34 47.30
CA LEU B 179 -12.09 0.02 46.79
C LEU B 179 -10.64 0.47 46.49
N PRO B 180 -9.63 -0.02 47.25
CA PRO B 180 -8.24 0.24 46.81
C PRO B 180 -7.87 -0.45 45.49
N LYS B 181 -8.52 -1.55 45.14
CA LYS B 181 -8.29 -2.21 43.84
C LYS B 181 -8.99 -1.43 42.72
N LEU B 182 -10.29 -1.21 42.88
CA LEU B 182 -11.06 -0.52 41.87
C LEU B 182 -10.49 0.85 41.52
N ASP B 183 -10.01 1.59 42.52
CA ASP B 183 -9.27 2.87 42.27
C ASP B 183 -8.03 2.61 41.38
N GLU B 184 -7.29 1.53 41.68
CA GLU B 184 -6.12 1.09 40.88
C GLU B 184 -6.46 0.74 39.44
N LEU B 185 -7.64 0.17 39.22
CA LEU B 185 -8.10 -0.10 37.86
C LEU B 185 -8.63 1.17 37.14
N ARG B 186 -9.35 2.03 37.86
CA ARG B 186 -9.72 3.37 37.38
C ARG B 186 -8.49 4.19 36.92
N ASP B 187 -7.39 4.07 37.66
CA ASP B 187 -6.17 4.77 37.30
C ASP B 187 -5.56 4.15 36.03
N GLU B 188 -5.39 2.83 36.06
CA GLU B 188 -4.80 2.09 34.97
C GLU B 188 -5.66 2.11 33.71
N GLY B 189 -6.97 1.97 33.86
CA GLY B 189 -7.92 2.20 32.77
C GLY B 189 -7.82 3.57 32.12
N LYS B 190 -7.81 4.63 32.92
CA LYS B 190 -7.80 6.00 32.35
C LYS B 190 -6.42 6.37 31.75
N ALA B 191 -5.34 5.78 32.29
CA ALA B 191 -4.00 5.96 31.73
C ALA B 191 -3.79 5.14 30.45
N SER B 192 -4.41 3.95 30.37
CA SER B 192 -4.41 3.18 29.11
C SER B 192 -5.21 3.88 27.97
N SER B 193 -6.31 4.53 28.32
CA SER B 193 -7.12 5.28 27.35
C SER B 193 -6.33 6.53 26.92
N ALA B 194 -5.81 7.30 27.89
CA ALA B 194 -5.01 8.50 27.59
C ALA B 194 -3.71 8.26 26.79
N LYS B 195 -3.09 7.09 26.94
CA LYS B 195 -1.92 6.70 26.14
C LYS B 195 -2.28 6.38 24.67
N GLN B 196 -3.50 5.91 24.42
CA GLN B 196 -4.02 5.71 23.05
C GLN B 196 -4.37 7.05 22.34
N ARG B 197 -4.92 8.01 23.08
CA ARG B 197 -5.12 9.38 22.60
C ARG B 197 -3.77 10.02 22.22
N LEU B 198 -2.81 9.86 23.13
CA LEU B 198 -1.48 10.39 22.97
C LEU B 198 -0.86 9.88 21.69
N LYS B 199 -0.78 8.55 21.58
CA LYS B 199 0.00 7.91 20.53
C LYS B 199 -0.52 8.19 19.12
N CYS B 200 -1.83 8.25 18.94
CA CYS B 200 -2.43 8.61 17.63
C CYS B 200 -2.31 10.07 17.30
N ALA B 201 -2.58 10.93 18.28
CA ALA B 201 -2.36 12.36 18.09
C ALA B 201 -0.89 12.64 17.80
N SER B 202 0.04 11.85 18.36
CA SER B 202 1.50 12.04 18.11
C SER B 202 1.95 11.67 16.70
N LEU B 203 1.10 11.00 15.94
CA LEU B 203 1.45 10.51 14.63
C LEU B 203 1.02 11.54 13.59
N GLN B 204 -0.24 11.99 13.66
CA GLN B 204 -0.75 13.05 12.77
C GLN B 204 -0.25 14.49 13.05
N LYS B 205 0.27 14.74 14.26
CA LYS B 205 0.74 16.09 14.63
C LYS B 205 2.21 16.30 14.27
N PHE B 206 3.09 15.41 14.76
CA PHE B 206 4.55 15.61 14.68
C PHE B 206 5.27 14.78 13.61
N GLY B 207 4.58 13.85 12.98
CA GLY B 207 5.12 13.11 11.86
C GLY B 207 5.58 11.70 12.20
N GLU B 208 5.44 10.83 11.19
CA GLU B 208 5.92 9.46 11.17
C GLU B 208 7.42 9.39 11.49
N ARG B 209 8.16 10.43 11.15
CA ARG B 209 9.57 10.50 11.47
C ARG B 209 9.79 10.48 12.98
N ALA B 210 9.24 11.47 13.68
CA ALA B 210 9.32 11.55 15.15
C ALA B 210 8.81 10.27 15.87
N PHE B 211 7.81 9.59 15.30
CA PHE B 211 7.31 8.33 15.85
C PHE B 211 8.38 7.24 15.87
N LYS B 212 8.97 7.06 14.70
CA LYS B 212 10.05 6.14 14.49
C LYS B 212 11.25 6.45 15.40
N ALA B 213 11.50 7.73 15.65
CA ALA B 213 12.52 8.13 16.62
C ALA B 213 12.21 7.57 18.01
N TRP B 214 11.04 7.89 18.53
CA TRP B 214 10.53 7.32 19.78
C TRP B 214 10.67 5.76 19.88
N ALA B 215 10.33 5.01 18.83
CA ALA B 215 10.33 3.54 18.90
C ALA B 215 11.69 2.90 18.86
N VAL B 216 12.56 3.42 18.01
CA VAL B 216 13.97 3.00 17.98
C VAL B 216 14.52 3.01 19.40
N ALA B 217 14.32 4.12 20.12
CA ALA B 217 14.77 4.24 21.53
C ALA B 217 14.17 3.20 22.46
N ARG B 218 12.83 3.15 22.51
CA ARG B 218 12.11 2.23 23.38
C ARG B 218 12.50 0.79 23.09
N LEU B 219 12.52 0.44 21.82
CA LEU B 219 12.82 -0.94 21.49
C LEU B 219 14.28 -1.26 21.75
N SER B 220 15.16 -0.25 21.65
CA SER B 220 16.58 -0.44 21.94
C SER B 220 16.85 -0.62 23.42
N GLN B 221 16.05 0.02 24.27
CA GLN B 221 16.04 -0.30 25.71
C GLN B 221 15.54 -1.74 26.05
N ARG B 222 14.42 -2.18 25.45
CA ARG B 222 13.84 -3.53 25.73
C ARG B 222 14.68 -4.71 25.23
N PHE B 223 15.26 -4.56 24.05
CA PHE B 223 16.01 -5.61 23.38
C PHE B 223 17.45 -5.16 23.11
N PRO B 224 18.24 -4.92 24.16
CA PRO B 224 19.59 -4.48 23.81
C PRO B 224 20.42 -5.49 23.00
N LYS B 225 20.24 -6.78 23.24
CA LYS B 225 20.94 -7.85 22.46
C LYS B 225 20.47 -8.01 20.99
N ALA B 226 19.39 -7.31 20.59
CA ALA B 226 18.95 -7.24 19.21
C ALA B 226 19.93 -6.37 18.44
N GLU B 227 20.13 -6.66 17.15
CA GLU B 227 21.07 -5.86 16.32
C GLU B 227 20.29 -4.68 15.74
N PHE B 228 20.98 -3.71 15.12
CA PHE B 228 20.28 -2.53 14.59
C PHE B 228 19.29 -2.94 13.51
N ALA B 229 19.75 -3.75 12.57
CA ALA B 229 18.92 -4.21 11.46
C ALA B 229 17.56 -4.77 11.89
N GLU B 230 17.54 -5.47 13.01
CA GLU B 230 16.33 -6.14 13.46
C GLU B 230 15.52 -5.20 14.29
N VAL B 231 16.17 -4.32 15.05
CA VAL B 231 15.48 -3.18 15.68
C VAL B 231 14.78 -2.35 14.59
N SER B 232 15.47 -2.04 13.48
CA SER B 232 14.88 -1.25 12.35
C SER B 232 13.64 -1.92 11.83
N LYS B 233 13.78 -3.19 11.48
CA LYS B 233 12.66 -3.99 10.94
C LYS B 233 11.41 -3.84 11.82
N LEU B 234 11.56 -4.12 13.11
CA LEU B 234 10.46 -3.99 14.07
C LEU B 234 9.84 -2.59 14.09
N VAL B 235 10.70 -1.57 14.04
CA VAL B 235 10.25 -0.19 14.09
C VAL B 235 9.33 0.11 12.92
N THR B 236 9.68 -0.40 11.74
CA THR B 236 8.93 -0.14 10.52
C THR B 236 7.55 -0.80 10.54
N ASP B 237 7.43 -1.99 11.12
CA ASP B 237 6.12 -2.65 11.16
C ASP B 237 5.23 -2.15 12.27
N LEU B 238 5.81 -1.85 13.43
CA LEU B 238 5.19 -0.97 14.43
C LEU B 238 4.49 0.24 13.81
N THR B 239 5.26 1.10 13.16
CA THR B 239 4.75 2.38 12.68
C THR B 239 3.58 2.18 11.74
N LYS B 240 3.64 1.09 10.97
CA LYS B 240 2.56 0.69 10.09
C LYS B 240 1.39 0.10 10.88
N VAL B 241 1.67 -0.56 12.00
CA VAL B 241 0.62 -1.05 12.92
C VAL B 241 -0.22 0.09 13.46
N HIS B 242 0.44 1.07 14.08
CA HIS B 242 -0.19 2.27 14.63
C HIS B 242 -0.95 3.10 13.59
N THR B 243 -0.27 3.40 12.48
CA THR B 243 -0.85 4.24 11.44
C THR B 243 -2.18 3.64 11.12
N GLU B 244 -2.21 2.32 10.89
CA GLU B 244 -3.46 1.58 10.62
C GLU B 244 -4.43 1.49 11.84
N CYS B 245 -3.92 1.27 13.07
CA CYS B 245 -4.79 1.25 14.26
C CYS B 245 -5.37 2.65 14.55
N CYS B 246 -4.56 3.69 14.32
CA CYS B 246 -5.02 5.09 14.43
C CYS B 246 -6.16 5.41 13.47
N HIS B 247 -6.13 4.85 12.27
CA HIS B 247 -7.28 4.91 11.35
C HIS B 247 -8.55 4.24 11.92
N GLY B 248 -8.41 3.32 12.89
CA GLY B 248 -9.52 2.95 13.79
C GLY B 248 -10.37 1.72 13.50
N ASP B 249 -10.16 1.09 12.36
CA ASP B 249 -10.74 -0.23 12.04
C ASP B 249 -10.19 -1.34 12.98
N LEU B 250 -11.02 -1.78 13.93
CA LEU B 250 -10.64 -2.78 14.92
C LEU B 250 -10.00 -4.03 14.31
N LEU B 251 -10.74 -4.68 13.41
CA LEU B 251 -10.28 -5.90 12.74
C LEU B 251 -8.92 -5.70 12.09
N GLU B 252 -8.80 -4.65 11.31
CA GLU B 252 -7.56 -4.37 10.60
C GLU B 252 -6.43 -4.18 11.61
N CYS B 253 -6.69 -3.46 12.70
CA CYS B 253 -5.72 -3.30 13.79
C CYS B 253 -5.31 -4.61 14.43
N ALA B 254 -6.31 -5.44 14.70
CA ALA B 254 -6.14 -6.76 15.31
C ALA B 254 -5.31 -7.72 14.45
N ASP B 255 -5.56 -7.74 13.16
CA ASP B 255 -4.75 -8.56 12.26
C ASP B 255 -3.27 -8.09 12.30
N ASP B 256 -3.05 -6.79 12.16
CA ASP B 256 -1.71 -6.19 12.14
C ASP B 256 -0.90 -6.43 13.41
N ARG B 257 -1.49 -6.25 14.58
CA ARG B 257 -0.81 -6.58 15.83
C ARG B 257 -0.45 -8.07 15.91
N ALA B 258 -1.41 -8.92 15.58
CA ALA B 258 -1.20 -10.36 15.57
C ALA B 258 -0.05 -10.76 14.66
N ASP B 259 0.02 -10.17 13.47
CA ASP B 259 1.14 -10.42 12.55
C ASP B 259 2.49 -10.03 13.17
N LEU B 260 2.55 -8.89 13.85
CA LEU B 260 3.79 -8.46 14.51
C LEU B 260 4.21 -9.41 15.65
N ALA B 261 3.22 -9.83 16.42
CA ALA B 261 3.47 -10.76 17.51
C ALA B 261 3.99 -12.10 16.99
N LYS B 262 3.33 -12.66 15.96
CA LYS B 262 3.77 -13.90 15.30
C LYS B 262 5.24 -13.79 14.98
N TYR B 263 5.58 -12.78 14.19
CA TYR B 263 6.96 -12.56 13.77
C TYR B 263 7.96 -12.54 14.92
N ILE B 264 7.63 -11.75 15.94
CA ILE B 264 8.47 -11.65 17.15
C ILE B 264 8.62 -13.01 17.86
N CYS B 265 7.54 -13.80 17.88
CA CYS B 265 7.61 -15.12 18.51
C CYS B 265 8.43 -16.15 17.69
N GLU B 266 8.42 -16.00 16.37
CA GLU B 266 9.30 -16.79 15.51
C GLU B 266 10.79 -16.42 15.65
N ASN B 267 11.09 -15.13 15.78
CA ASN B 267 12.49 -14.63 15.77
C ASN B 267 13.04 -14.22 17.15
N GLN B 268 12.32 -14.64 18.18
CA GLN B 268 12.65 -14.46 19.58
C GLN B 268 14.14 -14.57 19.94
N ASP B 269 14.87 -15.53 19.36
CA ASP B 269 16.32 -15.67 19.60
C ASP B 269 17.15 -14.51 19.04
N SER B 270 16.67 -13.92 17.95
CA SER B 270 17.25 -12.71 17.32
C SER B 270 16.69 -11.34 17.87
N ILE B 271 15.88 -11.40 18.92
CA ILE B 271 15.31 -10.22 19.55
C ILE B 271 15.65 -10.12 21.05
N SER B 272 15.20 -11.09 21.86
CA SER B 272 15.25 -10.94 23.33
C SER B 272 14.97 -12.23 24.06
N SER B 273 15.73 -12.47 25.12
CA SER B 273 15.62 -13.70 25.90
C SER B 273 14.44 -13.70 26.88
N LYS B 274 13.74 -12.57 27.05
CA LYS B 274 12.65 -12.45 28.03
C LYS B 274 11.25 -12.76 27.48
N LEU B 275 11.17 -13.26 26.25
CA LEU B 275 9.88 -13.44 25.52
C LEU B 275 9.22 -14.85 25.59
N LYS B 276 9.91 -15.86 26.11
CA LYS B 276 9.40 -17.24 26.15
C LYS B 276 7.95 -17.37 26.61
N GLU B 277 7.63 -16.87 27.80
CA GLU B 277 6.26 -16.97 28.36
C GLU B 277 5.22 -16.17 27.56
N CYS B 278 5.55 -14.95 27.14
CA CYS B 278 4.63 -14.15 26.31
C CYS B 278 4.23 -14.88 25.05
N CYS B 279 5.24 -15.42 24.38
CA CYS B 279 5.04 -16.21 23.16
C CYS B 279 4.41 -17.59 23.38
N GLU B 280 4.29 -18.03 24.63
CA GLU B 280 3.49 -19.19 24.99
C GLU B 280 2.00 -18.86 25.22
N LYS B 281 1.57 -17.60 25.04
CA LYS B 281 0.18 -17.19 25.34
C LYS B 281 -0.81 -17.27 24.14
N PRO B 282 -2.12 -17.38 24.44
CA PRO B 282 -3.03 -17.45 23.32
C PRO B 282 -3.05 -16.12 22.60
N LEU B 283 -3.59 -16.10 21.38
CA LEU B 283 -3.51 -14.98 20.45
C LEU B 283 -3.91 -13.62 21.05
N LEU B 284 -4.93 -13.66 21.90
CA LEU B 284 -5.52 -12.50 22.51
C LEU B 284 -4.56 -11.67 23.37
N GLU B 285 -3.61 -12.36 23.98
CA GLU B 285 -2.69 -11.86 24.99
C GLU B 285 -1.25 -11.70 24.53
N LYS B 286 -0.82 -12.44 23.50
CA LYS B 286 0.60 -12.44 23.05
C LYS B 286 1.14 -11.04 22.98
N SER B 287 0.48 -10.22 22.17
CA SER B 287 0.95 -8.89 21.77
C SER B 287 0.93 -7.87 22.91
N HIS B 288 -0.13 -7.91 23.70
CA HIS B 288 -0.21 -7.13 24.90
C HIS B 288 0.92 -7.52 25.84
N CYS B 289 1.11 -8.83 26.02
CA CYS B 289 2.20 -9.37 26.83
C CYS B 289 3.55 -8.87 26.32
N ILE B 290 3.80 -9.02 25.03
CA ILE B 290 5.07 -8.59 24.44
C ILE B 290 5.27 -7.08 24.64
N ALA B 291 4.21 -6.29 24.49
CA ALA B 291 4.29 -4.86 24.74
C ALA B 291 4.73 -4.52 26.19
N GLU B 292 4.33 -5.39 27.14
CA GLU B 292 4.65 -5.26 28.58
C GLU B 292 5.96 -5.91 29.04
N VAL B 293 6.72 -6.54 28.15
CA VAL B 293 7.88 -7.33 28.56
C VAL B 293 8.95 -6.40 29.11
N GLU B 294 9.62 -6.85 30.17
CA GLU B 294 10.66 -6.04 30.81
C GLU B 294 11.95 -6.02 29.99
N ASN B 295 12.87 -5.14 30.35
CA ASN B 295 14.10 -4.93 29.59
C ASN B 295 14.97 -6.20 29.68
N ASP B 296 15.37 -6.71 28.52
CA ASP B 296 16.40 -7.75 28.45
C ASP B 296 17.68 -7.10 28.96
N GLU B 297 18.50 -7.82 29.71
CA GLU B 297 19.74 -7.23 30.26
C GLU B 297 20.72 -7.02 29.14
N MET B 298 21.52 -5.99 29.28
CA MET B 298 22.29 -5.46 28.16
C MET B 298 23.58 -6.26 28.03
N PRO B 299 24.07 -6.45 26.78
CA PRO B 299 25.39 -7.02 26.58
C PRO B 299 26.46 -6.35 27.46
N ALA B 300 27.26 -7.18 28.15
CA ALA B 300 28.34 -6.70 29.02
C ALA B 300 29.53 -6.16 28.20
N ASP B 301 29.84 -6.82 27.09
CA ASP B 301 30.91 -6.41 26.18
C ASP B 301 30.40 -5.30 25.24
N LEU B 302 30.32 -4.07 25.78
CA LEU B 302 29.89 -2.87 25.03
C LEU B 302 30.93 -1.75 25.07
N PRO B 303 31.55 -1.47 23.92
CA PRO B 303 32.47 -0.33 23.91
C PRO B 303 31.73 1.00 24.12
N SER B 304 32.51 2.03 24.45
CA SER B 304 31.99 3.39 24.52
C SER B 304 31.52 3.80 23.13
N LEU B 305 30.50 4.64 23.07
CA LEU B 305 30.00 5.15 21.80
C LEU B 305 30.95 6.16 21.16
N ALA B 306 31.94 6.65 21.92
CA ALA B 306 32.96 7.61 21.40
C ALA B 306 33.74 7.18 20.13
N ALA B 307 33.92 5.87 19.90
CA ALA B 307 34.64 5.39 18.72
C ALA B 307 33.91 5.68 17.41
N ASP B 308 32.71 5.12 17.23
CA ASP B 308 31.96 5.23 15.97
C ASP B 308 31.36 6.61 15.70
N PHE B 309 30.93 7.29 16.74
CA PHE B 309 30.22 8.57 16.62
C PHE B 309 31.00 9.83 16.95
N VAL B 310 32.17 9.71 17.56
CA VAL B 310 33.02 10.89 17.77
C VAL B 310 34.40 10.78 17.10
N GLU B 311 35.22 9.86 17.59
CA GLU B 311 36.66 9.90 17.35
C GLU B 311 37.09 9.53 15.92
N SER B 312 36.41 8.54 15.33
CA SER B 312 36.56 8.18 13.92
C SER B 312 36.38 9.37 12.94
N LYS B 313 37.29 9.46 11.96
CA LYS B 313 37.02 10.26 10.74
C LYS B 313 36.08 9.41 9.90
N ASP B 314 35.43 10.01 8.91
CA ASP B 314 34.28 9.34 8.24
C ASP B 314 33.09 9.17 9.21
N VAL B 315 32.90 10.17 10.07
CA VAL B 315 31.68 10.36 10.84
C VAL B 315 30.71 11.09 9.92
N CYS B 316 31.18 12.17 9.28
CA CYS B 316 30.38 12.95 8.32
C CYS B 316 30.03 12.18 7.10
N LYS B 317 31.00 11.46 6.52
CA LYS B 317 30.74 10.62 5.34
C LYS B 317 29.56 9.71 5.64
N ASN B 318 29.69 8.92 6.71
CA ASN B 318 28.63 8.04 7.21
C ASN B 318 27.34 8.77 7.53
N TYR B 319 27.43 9.98 8.10
CA TYR B 319 26.22 10.77 8.40
C TYR B 319 25.52 11.24 7.15
N ALA B 320 26.32 11.75 6.19
CA ALA B 320 25.82 12.27 4.93
C ALA B 320 25.21 11.20 4.03
N GLU B 321 25.78 10.00 4.04
CA GLU B 321 25.24 8.89 3.22
C GLU B 321 23.76 8.70 3.50
N ALA B 322 23.38 8.66 4.78
CA ALA B 322 21.97 8.43 5.16
C ALA B 322 21.68 9.03 6.54
N LYS B 323 21.41 10.34 6.56
CA LYS B 323 21.33 11.12 7.82
C LYS B 323 20.51 10.50 8.93
N ASP B 324 19.33 10.00 8.57
CA ASP B 324 18.36 9.47 9.55
C ASP B 324 18.80 8.08 10.05
N VAL B 325 19.36 7.26 9.15
CA VAL B 325 19.88 5.94 9.53
C VAL B 325 21.05 6.07 10.50
N PHE B 326 21.99 6.97 10.22
CA PHE B 326 23.15 7.16 11.09
C PHE B 326 22.69 7.56 12.48
N LEU B 327 21.81 8.57 12.56
CA LEU B 327 21.29 9.03 13.87
C LEU B 327 20.41 7.98 14.54
N GLY B 328 19.83 7.09 13.74
CA GLY B 328 19.11 5.94 14.27
C GLY B 328 20.05 4.95 14.92
N MET B 329 21.21 4.74 14.30
CA MET B 329 22.28 3.95 14.91
C MET B 329 22.70 4.55 16.25
N PHE B 330 22.93 5.86 16.28
CA PHE B 330 23.25 6.57 17.50
C PHE B 330 22.20 6.38 18.59
N LEU B 331 20.94 6.54 18.20
CA LEU B 331 19.81 6.36 19.12
C LEU B 331 19.81 5.02 19.81
N TYR B 332 20.02 4.01 18.99
CA TYR B 332 19.86 2.65 19.40
C TYR B 332 21.03 2.28 20.22
N GLU B 333 22.23 2.70 19.79
CA GLU B 333 23.45 2.40 20.53
C GLU B 333 23.38 3.10 21.90
N TYR B 334 23.01 4.38 21.94
CA TYR B 334 22.91 5.11 23.21
C TYR B 334 21.79 4.54 24.10
N ALA B 335 20.59 4.31 23.55
CA ALA B 335 19.48 3.81 24.35
C ALA B 335 19.68 2.35 24.82
N ARG B 336 20.36 1.50 24.06
CA ARG B 336 20.56 0.08 24.51
C ARG B 336 21.46 -0.02 25.75
N ARG B 337 22.35 0.95 25.92
CA ARG B 337 23.13 1.10 27.15
C ARG B 337 22.38 1.86 28.25
N HIS B 338 21.36 2.63 27.91
CA HIS B 338 20.70 3.55 28.84
C HIS B 338 19.22 3.28 29.06
N PRO B 339 18.89 2.11 29.65
CA PRO B 339 17.51 1.87 30.07
C PRO B 339 17.16 2.63 31.36
N ASP B 340 18.15 3.23 32.03
CA ASP B 340 17.88 4.19 33.11
C ASP B 340 17.35 5.55 32.63
N TYR B 341 17.39 5.84 31.33
CA TYR B 341 16.87 7.10 30.79
C TYR B 341 15.48 6.99 30.21
N SER B 342 14.86 8.16 30.16
CA SER B 342 13.60 8.34 29.50
C SER B 342 13.92 8.36 27.99
N VAL B 343 12.91 8.09 27.19
CA VAL B 343 13.01 8.14 25.76
C VAL B 343 13.20 9.60 25.34
N VAL B 344 12.37 10.51 25.86
CA VAL B 344 12.50 11.95 25.52
C VAL B 344 13.93 12.49 25.81
N LEU B 345 14.55 11.99 26.88
CA LEU B 345 15.94 12.32 27.20
C LEU B 345 16.93 11.80 26.15
N LEU B 346 16.77 10.52 25.78
CA LEU B 346 17.54 9.89 24.68
C LEU B 346 17.28 10.56 23.32
N LEU B 347 16.03 10.93 23.05
CA LEU B 347 15.69 11.73 21.87
C LEU B 347 16.26 13.13 21.90
N ARG B 348 16.34 13.77 23.06
CA ARG B 348 16.98 15.12 23.13
C ARG B 348 18.46 15.07 22.80
N LEU B 349 19.10 13.99 23.23
CA LEU B 349 20.54 13.75 23.00
C LEU B 349 20.85 13.53 21.54
N ALA B 350 20.05 12.70 20.86
CA ALA B 350 20.22 12.48 19.42
C ALA B 350 19.96 13.75 18.63
N LYS B 351 18.93 14.49 19.01
CA LYS B 351 18.70 15.79 18.41
C LYS B 351 19.90 16.74 18.68
N THR B 352 20.49 16.63 19.88
CA THR B 352 21.72 17.35 20.20
C THR B 352 22.90 16.89 19.35
N TYR B 353 22.93 15.62 18.97
CA TYR B 353 23.94 15.12 18.07
C TYR B 353 23.68 15.62 16.64
N GLU B 354 22.44 15.47 16.16
CA GLU B 354 21.98 16.00 14.84
C GLU B 354 22.42 17.42 14.53
N THR B 355 22.09 18.34 15.43
CA THR B 355 22.37 19.77 15.28
C THR B 355 23.88 20.09 15.21
N THR B 356 24.69 19.26 15.89
CA THR B 356 26.15 19.38 15.89
C THR B 356 26.84 18.45 14.89
N LEU B 357 26.09 17.78 14.01
CA LEU B 357 26.63 17.29 12.74
C LEU B 357 26.28 18.23 11.59
N GLU B 358 25.10 18.84 11.59
CA GLU B 358 24.75 19.78 10.52
C GLU B 358 25.71 20.95 10.53
N LYS B 359 25.93 21.50 11.73
CA LYS B 359 26.85 22.61 11.94
C LYS B 359 28.29 22.22 11.64
N CYS B 360 28.75 21.12 12.24
CA CYS B 360 30.18 20.77 12.23
C CYS B 360 30.71 20.09 10.96
N CYS B 361 29.87 19.34 10.24
CA CYS B 361 30.31 18.66 8.99
C CYS B 361 30.43 19.60 7.78
N ALA B 362 29.71 20.72 7.81
CA ALA B 362 29.86 21.78 6.82
C ALA B 362 31.20 22.54 7.00
N ALA B 363 31.69 22.62 8.23
CA ALA B 363 32.87 23.44 8.57
C ALA B 363 34.19 22.91 8.02
N ALA B 364 35.16 23.82 7.93
CA ALA B 364 36.47 23.53 7.35
C ALA B 364 37.17 22.42 8.13
N ASP B 365 37.19 22.57 9.45
CA ASP B 365 37.56 21.49 10.35
C ASP B 365 36.25 20.91 10.95
N PRO B 366 35.95 19.62 10.66
CA PRO B 366 34.84 18.94 11.37
C PRO B 366 35.23 18.23 12.66
N HIS B 367 36.31 17.44 12.63
CA HIS B 367 36.71 16.63 13.78
C HIS B 367 36.94 17.45 15.05
N GLU B 368 37.43 18.69 14.89
CA GLU B 368 37.68 19.61 16.01
C GLU B 368 36.56 20.66 16.17
N CYS B 369 35.32 20.21 15.98
CA CYS B 369 34.10 21.01 16.18
C CYS B 369 33.15 20.18 17.05
N TYR B 370 32.86 18.95 16.60
CA TYR B 370 32.04 18.00 17.36
C TYR B 370 32.80 17.17 18.39
N ALA B 371 34.11 17.41 18.55
CA ALA B 371 34.94 16.78 19.60
C ALA B 371 34.23 16.71 20.94
N LYS B 372 33.82 17.87 21.43
CA LYS B 372 33.19 17.94 22.76
C LYS B 372 31.68 17.65 22.79
N VAL B 373 31.11 17.01 21.77
CA VAL B 373 29.65 16.85 21.74
C VAL B 373 29.09 16.06 22.93
N PHE B 374 29.86 15.10 23.44
CA PHE B 374 29.45 14.33 24.63
C PHE B 374 29.42 15.15 25.92
N ASP B 375 30.11 16.30 25.93
CA ASP B 375 29.96 17.30 27.00
C ASP B 375 28.57 17.93 26.93
N GLU B 376 28.04 18.14 25.73
CA GLU B 376 26.70 18.75 25.53
C GLU B 376 25.53 17.89 26.05
N PHE B 377 25.78 16.60 26.27
CA PHE B 377 24.77 15.70 26.78
C PHE B 377 24.69 15.81 28.28
N LYS B 378 25.84 15.94 28.91
CA LYS B 378 25.97 15.92 30.36
C LYS B 378 24.97 16.84 31.10
N PRO B 379 24.78 18.09 30.65
CA PRO B 379 23.74 18.94 31.24
C PRO B 379 22.29 18.49 31.02
N LEU B 380 22.03 17.81 29.91
CA LEU B 380 20.67 17.34 29.60
C LEU B 380 20.27 16.08 30.34
N VAL B 381 21.21 15.18 30.60
CA VAL B 381 20.97 14.00 31.44
C VAL B 381 20.63 14.41 32.85
N GLU B 382 21.34 15.42 33.37
CA GLU B 382 21.27 15.78 34.81
C GLU B 382 20.06 16.57 35.25
N GLU B 383 19.52 17.38 34.35
CA GLU B 383 18.36 18.20 34.63
C GLU B 383 17.09 17.41 35.02
N PRO B 384 16.79 16.30 34.31
CA PRO B 384 15.71 15.40 34.79
C PRO B 384 16.10 14.51 35.99
N GLN B 385 17.38 14.13 36.11
CA GLN B 385 17.86 13.39 37.30
C GLN B 385 17.74 14.21 38.60
N ASN B 386 18.07 15.50 38.54
CA ASN B 386 17.98 16.39 39.71
C ASN B 386 16.56 16.75 40.04
N LEU B 387 15.74 16.89 39.00
CA LEU B 387 14.34 17.22 39.25
C LEU B 387 13.72 16.09 40.04
N ILE B 388 14.11 14.87 39.67
CA ILE B 388 13.58 13.64 40.28
C ILE B 388 14.09 13.41 41.66
N LYS B 389 15.39 13.66 41.88
CA LYS B 389 15.94 13.66 43.24
C LYS B 389 15.12 14.66 44.06
N GLN B 390 15.20 15.93 43.66
CA GLN B 390 14.66 17.05 44.42
C GLN B 390 13.16 16.97 44.79
N ASN B 391 12.36 16.34 43.94
CA ASN B 391 10.95 16.14 44.26
C ASN B 391 10.70 14.90 45.14
N CYS B 392 11.44 13.82 44.93
CA CYS B 392 11.28 12.62 45.73
C CYS B 392 11.88 12.78 47.15
N GLU B 393 12.78 13.75 47.36
CA GLU B 393 13.21 14.15 48.72
C GLU B 393 12.07 14.85 49.44
N LEU B 394 11.42 15.75 48.71
CA LEU B 394 10.22 16.44 49.19
C LEU B 394 9.14 15.41 49.55
N PHE B 395 8.89 14.45 48.65
CA PHE B 395 7.90 13.41 48.91
C PHE B 395 8.30 12.45 50.05
N GLU B 396 9.58 12.25 50.28
CA GLU B 396 10.03 11.51 51.45
C GLU B 396 9.68 12.29 52.73
N GLN B 397 10.06 13.58 52.76
CA GLN B 397 9.94 14.47 53.94
C GLN B 397 8.49 14.82 54.31
N LEU B 398 7.69 15.13 53.29
CA LEU B 398 6.26 15.40 53.47
C LEU B 398 5.52 14.18 52.92
N GLY B 399 4.38 13.80 53.49
CA GLY B 399 3.66 12.62 53.00
C GLY B 399 3.10 12.91 51.61
N GLU B 400 2.38 11.96 51.02
CA GLU B 400 1.63 12.22 49.78
C GLU B 400 0.73 13.44 49.92
N TYR B 401 -0.04 13.46 51.01
CA TYR B 401 -0.98 14.57 51.24
C TYR B 401 -0.28 15.92 51.27
N LYS B 402 0.68 16.09 52.17
CA LYS B 402 1.41 17.38 52.26
C LYS B 402 2.26 17.68 50.98
N PHE B 403 2.66 16.65 50.23
CA PHE B 403 3.34 16.85 48.96
C PHE B 403 2.46 17.49 47.89
N GLN B 404 1.18 17.12 47.87
CA GLN B 404 0.25 17.60 46.87
C GLN B 404 -0.02 19.05 47.09
N ASN B 405 0.09 19.51 48.33
CA ASN B 405 -0.13 20.89 48.67
C ASN B 405 1.09 21.73 48.33
N ALA B 406 2.30 21.20 48.51
CA ALA B 406 3.51 21.87 48.00
C ALA B 406 3.44 22.11 46.49
N LEU B 407 3.05 21.07 45.75
CA LEU B 407 2.81 21.21 44.31
C LEU B 407 1.69 22.23 44.01
N LEU B 408 0.64 22.20 44.82
CA LEU B 408 -0.54 23.03 44.59
C LEU B 408 -0.18 24.51 44.65
N VAL B 409 0.56 24.90 45.68
CA VAL B 409 1.04 26.31 45.86
C VAL B 409 2.04 26.67 44.77
N ARG B 410 2.97 25.76 44.49
CA ARG B 410 3.93 25.88 43.38
C ARG B 410 3.25 26.25 42.05
N TYR B 411 2.29 25.43 41.59
CA TYR B 411 1.62 25.66 40.29
C TYR B 411 0.56 26.75 40.21
N THR B 412 -0.06 27.09 41.34
CA THR B 412 -1.04 28.15 41.38
C THR B 412 -0.38 29.53 41.18
N LYS B 413 0.84 29.74 41.70
CA LYS B 413 1.58 30.98 41.36
C LYS B 413 2.08 31.01 39.92
N LYS B 414 2.49 29.86 39.38
CA LYS B 414 3.02 29.79 38.02
C LYS B 414 1.94 30.01 36.95
N VAL B 415 0.73 29.48 37.17
CA VAL B 415 -0.40 29.69 36.24
C VAL B 415 -1.70 29.88 37.00
N PRO B 416 -1.84 31.01 37.71
CA PRO B 416 -3.04 31.19 38.54
C PRO B 416 -4.33 31.23 37.72
N GLN B 417 -4.24 31.58 36.44
CA GLN B 417 -5.39 31.69 35.58
C GLN B 417 -6.07 30.34 35.31
N VAL B 418 -5.41 29.24 35.71
CA VAL B 418 -5.99 27.91 35.63
C VAL B 418 -7.03 27.74 36.74
N SER B 419 -8.18 27.19 36.34
CA SER B 419 -9.31 26.94 37.22
C SER B 419 -8.89 26.07 38.41
N THR B 420 -9.44 26.40 39.56
CA THR B 420 -9.12 25.71 40.80
C THR B 420 -9.34 24.19 40.77
N PRO B 421 -10.47 23.70 40.21
CA PRO B 421 -10.65 22.23 40.26
C PRO B 421 -9.57 21.46 39.49
N THR B 422 -9.23 21.99 38.33
CA THR B 422 -8.13 21.48 37.50
C THR B 422 -6.76 21.48 38.20
N LEU B 423 -6.42 22.53 38.96
CA LEU B 423 -5.14 22.55 39.68
C LEU B 423 -5.10 21.49 40.80
N VAL B 424 -6.23 21.36 41.50
CA VAL B 424 -6.43 20.33 42.51
C VAL B 424 -6.16 18.94 41.93
N GLU B 425 -6.85 18.60 40.84
CA GLU B 425 -6.72 17.30 40.17
C GLU B 425 -5.31 17.04 39.59
N VAL B 426 -4.67 18.09 39.09
CA VAL B 426 -3.34 17.97 38.49
C VAL B 426 -2.30 17.74 39.56
N SER B 427 -2.43 18.52 40.64
CA SER B 427 -1.54 18.41 41.77
C SER B 427 -1.71 17.05 42.40
N ARG B 428 -2.95 16.71 42.74
CA ARG B 428 -3.21 15.42 43.32
C ARG B 428 -2.64 14.28 42.46
N ASN B 429 -2.94 14.26 41.17
CA ASN B 429 -2.39 13.25 40.26
C ASN B 429 -0.86 13.19 40.30
N LEU B 430 -0.23 14.36 40.31
CA LEU B 430 1.22 14.42 40.46
C LEU B 430 1.74 13.78 41.76
N GLY B 431 0.97 13.90 42.83
CA GLY B 431 1.30 13.23 44.09
C GLY B 431 1.32 11.73 43.90
N LYS B 432 0.24 11.22 43.33
CA LYS B 432 0.17 9.81 42.89
C LYS B 432 1.42 9.39 42.09
N VAL B 433 1.83 10.23 41.15
CA VAL B 433 3.09 9.96 40.41
C VAL B 433 4.29 9.86 41.34
N GLY B 434 4.44 10.80 42.26
CA GLY B 434 5.46 10.69 43.30
C GLY B 434 5.50 9.37 44.10
N SER B 435 4.35 8.95 44.63
CA SER B 435 4.21 7.70 45.42
C SER B 435 4.64 6.48 44.65
N LYS B 436 4.24 6.42 43.39
CA LYS B 436 4.70 5.38 42.50
C LYS B 436 6.21 5.48 42.32
N CYS B 437 6.67 6.50 41.60
CA CYS B 437 8.02 6.49 41.07
C CYS B 437 9.11 6.71 42.10
N CYS B 438 8.83 7.34 43.24
CA CYS B 438 9.86 7.47 44.30
C CYS B 438 10.12 6.17 45.08
N LYS B 439 9.17 5.26 45.10
CA LYS B 439 9.40 3.86 45.50
C LYS B 439 10.29 3.08 44.52
N HIS B 440 10.43 3.51 43.27
CA HIS B 440 11.45 2.93 42.40
C HIS B 440 12.85 3.39 42.79
N PRO B 441 13.87 2.54 42.52
CA PRO B 441 15.27 2.98 42.63
C PRO B 441 15.65 4.00 41.56
N GLU B 442 16.74 4.72 41.75
CA GLU B 442 17.13 5.81 40.86
C GLU B 442 17.26 5.38 39.39
N ALA B 443 17.74 4.18 39.16
CA ALA B 443 17.87 3.69 37.80
C ALA B 443 16.53 3.52 37.10
N LYS B 444 15.47 3.13 37.81
CA LYS B 444 14.14 2.96 37.20
C LYS B 444 13.29 4.22 37.17
N ARG B 445 13.80 5.31 37.76
CA ARG B 445 12.92 6.43 38.13
C ARG B 445 12.53 7.31 36.95
N MET B 446 13.47 7.57 36.05
CA MET B 446 13.21 8.47 34.97
C MET B 446 12.17 7.91 33.99
N PRO B 447 12.29 6.61 33.61
CA PRO B 447 11.26 6.01 32.77
C PRO B 447 9.89 6.02 33.40
N CYS B 448 9.82 5.70 34.69
CA CYS B 448 8.55 5.72 35.44
C CYS B 448 7.84 7.09 35.30
N ALA B 449 8.57 8.15 35.61
CA ALA B 449 8.04 9.49 35.54
C ALA B 449 7.63 9.82 34.13
N GLU B 450 8.49 9.53 33.16
CA GLU B 450 8.14 9.80 31.77
C GLU B 450 6.74 9.27 31.44
N ASP B 451 6.55 7.97 31.64
CA ASP B 451 5.25 7.31 31.37
C ASP B 451 4.05 8.12 31.89
N TYR B 452 4.09 8.51 33.16
CA TYR B 452 2.95 9.16 33.79
C TYR B 452 2.85 10.65 33.51
N LEU B 453 3.98 11.32 33.29
CA LEU B 453 3.95 12.74 32.94
C LEU B 453 3.39 12.92 31.54
N SER B 454 3.87 12.13 30.58
CA SER B 454 3.28 12.12 29.25
C SER B 454 1.73 12.16 29.31
N VAL B 455 1.15 11.28 30.12
CA VAL B 455 -0.32 11.21 30.20
C VAL B 455 -0.95 12.33 31.04
N VAL B 456 -0.34 12.66 32.17
CA VAL B 456 -0.81 13.77 32.99
C VAL B 456 -0.67 15.13 32.25
N LEU B 457 0.38 15.25 31.42
CA LEU B 457 0.58 16.45 30.60
C LEU B 457 -0.25 16.46 29.32
N ASN B 458 -0.48 15.32 28.68
CA ASN B 458 -1.41 15.30 27.54
C ASN B 458 -2.83 15.54 28.03
N GLN B 459 -3.19 14.97 29.18
CA GLN B 459 -4.47 15.27 29.82
C GLN B 459 -4.65 16.78 29.90
N LEU B 460 -3.60 17.44 30.38
CA LEU B 460 -3.59 18.89 30.62
C LEU B 460 -3.91 19.71 29.37
N CYS B 461 -3.35 19.29 28.26
CA CYS B 461 -3.37 20.07 27.04
C CYS B 461 -4.66 19.96 26.25
N VAL B 462 -5.33 18.81 26.30
CA VAL B 462 -6.69 18.70 25.79
C VAL B 462 -7.62 19.51 26.70
N LEU B 463 -7.50 19.32 28.01
CA LEU B 463 -8.19 20.21 28.95
C LEU B 463 -7.85 21.68 28.74
N HIS B 464 -6.75 22.01 28.05
CA HIS B 464 -6.44 23.39 27.69
C HIS B 464 -6.81 23.91 26.31
N GLU B 465 -6.61 23.11 25.26
CA GLU B 465 -7.07 23.53 23.92
C GLU B 465 -8.57 23.77 23.92
N LYS B 466 -9.33 22.98 24.68
CA LYS B 466 -10.77 23.11 24.73
C LYS B 466 -11.24 24.38 25.44
N THR B 467 -10.50 24.84 26.45
CA THR B 467 -10.86 26.07 27.17
C THR B 467 -9.63 26.86 27.62
N PRO B 468 -8.84 27.40 26.66
CA PRO B 468 -7.54 27.98 26.98
C PRO B 468 -7.58 29.08 28.02
N VAL B 469 -6.40 29.36 28.54
CA VAL B 469 -6.26 30.13 29.75
C VAL B 469 -4.96 30.92 29.74
N SER B 470 -3.84 30.25 29.43
CA SER B 470 -2.54 30.90 29.42
C SER B 470 -1.85 30.77 28.05
N ASP B 471 -1.27 31.87 27.58
CA ASP B 471 -0.38 31.84 26.41
C ASP B 471 0.77 30.86 26.59
N ARG B 472 1.34 30.84 27.80
CA ARG B 472 2.59 30.10 28.09
C ARG B 472 2.33 28.61 28.19
N VAL B 473 1.20 28.22 28.75
CA VAL B 473 0.77 26.83 28.76
C VAL B 473 0.53 26.34 27.32
N THR B 474 -0.26 27.10 26.55
CA THR B 474 -0.44 26.87 25.11
C THR B 474 0.90 26.75 24.34
N LYS B 475 1.91 27.52 24.75
CA LYS B 475 3.28 27.39 24.23
C LYS B 475 3.85 26.00 24.53
N CYS B 476 3.75 25.55 25.78
CA CYS B 476 4.22 24.20 26.16
C CYS B 476 3.40 23.07 25.48
N CYS B 477 2.09 23.20 25.40
CA CYS B 477 1.23 22.17 24.79
C CYS B 477 1.30 21.98 23.25
N THR B 478 1.80 22.98 22.52
CA THR B 478 2.00 22.89 21.07
C THR B 478 3.48 22.66 20.69
N GLU B 479 4.38 23.07 21.57
CA GLU B 479 5.80 22.71 21.51
C GLU B 479 5.99 21.21 21.27
N SER B 480 7.13 20.87 20.66
CA SER B 480 7.56 19.47 20.48
C SER B 480 7.42 18.61 21.73
N LEU B 481 7.15 17.32 21.54
CA LEU B 481 7.00 16.40 22.68
C LEU B 481 8.32 16.11 23.43
N VAL B 482 9.47 16.44 22.83
CA VAL B 482 10.75 16.38 23.55
C VAL B 482 10.99 17.60 24.45
N ASN B 483 10.43 18.76 24.09
CA ASN B 483 10.50 19.95 24.94
C ASN B 483 9.23 20.20 25.76
N ARG B 484 8.24 19.31 25.67
CA ARG B 484 6.96 19.52 26.36
C ARG B 484 7.12 19.75 27.84
N ARG B 485 7.78 18.79 28.49
CA ARG B 485 7.98 18.74 29.94
C ARG B 485 8.94 19.80 30.49
N PRO B 486 10.13 20.00 29.89
CA PRO B 486 10.96 21.05 30.41
C PRO B 486 10.43 22.45 30.10
N CYS B 487 9.55 22.61 29.12
CA CYS B 487 8.90 23.90 28.90
C CYS B 487 8.04 24.15 30.14
N PHE B 488 7.24 23.16 30.50
CA PHE B 488 6.44 23.19 31.73
C PHE B 488 7.28 23.42 32.98
N SER B 489 8.49 22.88 33.03
CA SER B 489 9.40 23.12 34.15
C SER B 489 10.02 24.50 34.13
N ALA B 490 10.03 25.13 32.97
CA ALA B 490 10.56 26.49 32.79
C ALA B 490 9.57 27.58 33.22
N LEU B 491 8.30 27.23 33.43
CA LEU B 491 7.34 28.22 33.85
C LEU B 491 7.79 28.90 35.14
N GLU B 492 7.67 30.22 35.13
CA GLU B 492 8.06 31.06 36.26
C GLU B 492 6.76 31.45 36.93
N VAL B 493 6.86 32.08 38.11
CA VAL B 493 5.69 32.66 38.75
C VAL B 493 5.18 33.79 37.84
N ASP B 494 3.87 33.82 37.63
CA ASP B 494 3.24 34.93 36.88
C ASP B 494 3.53 36.29 37.56
N GLU B 495 4.39 37.09 36.94
CA GLU B 495 4.60 38.46 37.38
C GLU B 495 3.35 39.29 37.08
N THR B 496 2.77 39.09 35.90
CA THR B 496 1.64 39.90 35.41
C THR B 496 0.33 39.77 36.21
N TYR B 497 0.10 38.62 36.85
CA TYR B 497 -1.27 38.28 37.31
C TYR B 497 -1.77 39.27 38.38
N VAL B 498 -3.04 39.66 38.27
CA VAL B 498 -3.67 40.53 39.27
C VAL B 498 -4.44 39.67 40.27
N PRO B 499 -4.20 39.91 41.58
CA PRO B 499 -4.81 39.06 42.61
C PRO B 499 -6.34 38.98 42.55
N LYS B 500 -6.87 37.76 42.65
CA LYS B 500 -8.32 37.55 42.77
C LYS B 500 -8.81 38.18 44.07
N GLU B 501 -9.99 38.80 44.01
CA GLU B 501 -10.48 39.61 45.13
C GLU B 501 -11.08 38.78 46.28
N PHE B 502 -11.13 39.39 47.46
CA PHE B 502 -11.54 38.71 48.70
C PHE B 502 -13.00 38.28 48.64
N ASN B 503 -13.30 37.15 49.28
CA ASN B 503 -14.63 36.56 49.24
C ASN B 503 -14.84 35.55 50.38
N ALA B 504 -15.54 35.98 51.42
CA ALA B 504 -15.70 35.16 52.64
C ALA B 504 -16.54 33.91 52.42
N GLU B 505 -17.40 33.91 51.39
CA GLU B 505 -18.10 32.69 50.96
C GLU B 505 -17.10 31.58 50.61
N THR B 506 -16.07 31.92 49.84
CA THR B 506 -14.99 30.98 49.47
C THR B 506 -14.18 30.47 50.70
N PHE B 507 -14.11 31.23 51.79
CA PHE B 507 -13.37 30.80 52.99
C PHE B 507 -14.25 30.52 54.23
N THR B 508 -15.58 30.48 54.06
CA THR B 508 -16.46 29.93 55.10
C THR B 508 -16.31 28.41 55.12
N PHE B 509 -16.20 27.82 56.32
CA PHE B 509 -16.17 26.34 56.49
C PHE B 509 -17.18 25.84 57.53
N HIS B 510 -18.14 25.02 57.10
CA HIS B 510 -19.16 24.45 57.99
C HIS B 510 -18.68 23.20 58.74
N ALA B 511 -19.54 22.62 59.58
CA ALA B 511 -19.18 21.45 60.42
C ALA B 511 -19.01 20.14 59.65
N ASP B 512 -19.75 20.03 58.54
CA ASP B 512 -19.64 18.91 57.57
C ASP B 512 -18.24 18.56 57.07
N ILE B 513 -17.26 19.44 57.27
CA ILE B 513 -15.84 19.07 57.09
C ILE B 513 -15.45 17.81 57.90
N CYS B 514 -15.90 17.73 59.16
CA CYS B 514 -15.52 16.61 60.05
C CYS B 514 -16.27 15.30 59.73
N THR B 515 -17.37 15.39 58.98
CA THR B 515 -18.19 14.22 58.61
C THR B 515 -17.76 13.58 57.27
N LEU B 516 -17.22 14.39 56.37
CA LEU B 516 -16.77 13.90 55.05
C LEU B 516 -15.62 12.89 55.20
N SER B 517 -15.47 12.04 54.19
CA SER B 517 -14.31 11.15 54.06
C SER B 517 -12.99 11.93 53.93
N GLU B 518 -11.87 11.22 54.04
CA GLU B 518 -10.55 11.83 53.95
C GLU B 518 -10.36 12.46 52.57
N LYS B 519 -10.68 11.70 51.52
CA LYS B 519 -10.59 12.21 50.14
C LYS B 519 -11.21 13.59 50.02
N GLU B 520 -12.43 13.76 50.54
CA GLU B 520 -13.20 14.99 50.33
C GLU B 520 -12.99 16.10 51.36
N ARG B 521 -12.46 15.77 52.55
CA ARG B 521 -11.89 16.81 53.46
C ARG B 521 -10.75 17.48 52.71
N GLN B 522 -9.84 16.64 52.23
CA GLN B 522 -8.62 17.06 51.53
C GLN B 522 -8.92 17.91 50.29
N ILE B 523 -9.82 17.43 49.42
CA ILE B 523 -10.22 18.22 48.25
C ILE B 523 -10.73 19.61 48.65
N LYS B 524 -11.63 19.66 49.65
CA LYS B 524 -12.12 20.94 50.20
C LYS B 524 -10.96 21.79 50.70
N LYS B 525 -10.04 21.18 51.46
CA LYS B 525 -8.87 21.90 52.02
C LYS B 525 -7.93 22.41 50.91
N GLN B 526 -7.86 21.67 49.82
CA GLN B 526 -7.01 22.01 48.67
C GLN B 526 -7.68 23.06 47.77
N THR B 527 -9.00 22.97 47.63
CA THR B 527 -9.76 23.96 46.86
C THR B 527 -9.60 25.37 47.44
N ALA B 528 -9.64 25.48 48.76
CA ALA B 528 -9.47 26.74 49.47
C ALA B 528 -8.02 27.23 49.43
N LEU B 529 -7.08 26.31 49.58
CA LEU B 529 -5.64 26.64 49.46
C LEU B 529 -5.32 27.31 48.12
N VAL B 530 -5.96 26.86 47.04
CA VAL B 530 -5.75 27.40 45.70
C VAL B 530 -6.36 28.80 45.55
N GLU B 531 -7.50 29.03 46.19
CA GLU B 531 -8.13 30.35 46.23
C GLU B 531 -7.32 31.29 47.13
N LEU B 532 -6.73 30.74 48.20
CA LEU B 532 -5.84 31.52 49.08
C LEU B 532 -4.70 32.13 48.27
N VAL B 533 -3.95 31.26 47.57
CA VAL B 533 -2.83 31.67 46.74
C VAL B 533 -3.30 32.59 45.59
N LYS B 534 -4.46 32.32 45.01
CA LYS B 534 -5.04 33.22 44.01
C LYS B 534 -5.36 34.60 44.56
N HIS B 535 -5.81 34.66 45.81
CA HIS B 535 -6.22 35.92 46.38
C HIS B 535 -5.01 36.75 46.74
N LYS B 536 -4.07 36.16 47.47
CA LYS B 536 -2.82 36.82 47.85
C LYS B 536 -1.62 36.05 47.27
N PRO B 537 -1.35 36.22 45.95
CA PRO B 537 -0.24 35.50 45.31
C PRO B 537 1.17 35.96 45.70
N LYS B 538 1.34 37.21 46.16
CA LYS B 538 2.63 37.68 46.67
C LYS B 538 3.07 37.07 48.04
N ALA B 539 2.50 35.93 48.44
CA ALA B 539 2.62 35.40 49.80
C ALA B 539 3.77 34.41 50.01
N THR B 540 4.54 34.64 51.06
CA THR B 540 5.73 33.85 51.45
C THR B 540 5.36 32.50 52.09
N LYS B 541 6.25 31.50 51.95
CA LYS B 541 6.00 30.17 52.52
C LYS B 541 5.88 30.20 54.02
N GLU B 542 6.76 30.97 54.68
CA GLU B 542 6.79 31.10 56.15
C GLU B 542 5.43 31.53 56.69
N GLN B 543 4.81 32.46 55.98
CA GLN B 543 3.49 32.95 56.32
C GLN B 543 2.37 32.05 55.78
N LEU B 544 2.59 31.38 54.65
CA LEU B 544 1.65 30.34 54.19
C LEU B 544 1.58 29.17 55.15
N LYS B 545 2.73 28.75 55.69
CA LYS B 545 2.75 27.74 56.75
C LYS B 545 1.98 28.29 57.98
N ALA B 546 2.09 29.60 58.24
CA ALA B 546 1.36 30.27 59.33
C ALA B 546 -0.17 30.29 59.13
N VAL B 547 -0.62 30.56 57.91
CA VAL B 547 -2.05 30.57 57.58
C VAL B 547 -2.63 29.15 57.48
N MET B 548 -1.78 28.14 57.23
CA MET B 548 -2.21 26.74 57.18
C MET B 548 -2.22 26.08 58.55
N ASP B 549 -1.15 26.26 59.32
CA ASP B 549 -1.06 25.71 60.70
C ASP B 549 -2.21 26.19 61.59
N ASP B 550 -2.62 27.45 61.41
CA ASP B 550 -3.79 28.02 62.08
C ASP B 550 -5.05 27.24 61.68
N PHE B 551 -5.22 27.03 60.37
CA PHE B 551 -6.35 26.28 59.83
C PHE B 551 -6.43 24.84 60.36
N ALA B 552 -5.29 24.15 60.41
CA ALA B 552 -5.21 22.75 60.89
C ALA B 552 -5.68 22.58 62.34
N ALA B 553 -5.21 23.46 63.22
CA ALA B 553 -5.66 23.50 64.62
C ALA B 553 -7.12 23.96 64.72
N PHE B 554 -7.46 25.01 63.98
CA PHE B 554 -8.84 25.54 63.92
C PHE B 554 -9.90 24.48 63.61
N VAL B 555 -9.60 23.58 62.67
CA VAL B 555 -10.49 22.47 62.32
C VAL B 555 -10.48 21.43 63.45
N GLU B 556 -9.28 21.00 63.87
CA GLU B 556 -9.13 19.95 64.90
C GLU B 556 -9.90 20.30 66.18
N LYS B 557 -9.96 21.58 66.53
CA LYS B 557 -10.64 22.04 67.76
C LYS B 557 -12.16 22.27 67.64
N CYS B 558 -12.70 22.42 66.43
CA CYS B 558 -14.16 22.52 66.24
C CYS B 558 -14.86 21.17 66.29
N CYS B 559 -14.27 20.15 65.67
CA CYS B 559 -14.79 18.78 65.78
C CYS B 559 -14.59 18.25 67.22
N LYS B 560 -13.42 18.53 67.80
CA LYS B 560 -13.09 18.14 69.19
C LYS B 560 -13.97 18.79 70.28
N ALA B 561 -14.48 19.98 70.02
CA ALA B 561 -15.26 20.72 71.01
C ALA B 561 -16.74 20.37 70.94
N ASP B 562 -17.41 20.53 72.08
CA ASP B 562 -18.87 20.39 72.17
C ASP B 562 -19.47 21.65 71.55
N ASP B 563 -20.61 21.51 70.88
CA ASP B 563 -21.18 22.56 70.03
C ASP B 563 -20.18 22.84 68.90
N LYS B 564 -20.16 21.92 67.95
CA LYS B 564 -19.18 21.91 66.85
C LYS B 564 -19.42 23.01 65.82
N GLU B 565 -20.69 23.30 65.51
CA GLU B 565 -21.01 24.32 64.52
C GLU B 565 -20.56 25.70 64.98
N THR B 566 -20.97 26.10 66.19
CA THR B 566 -20.66 27.44 66.72
C THR B 566 -19.19 27.82 66.51
N CYS B 567 -18.30 26.90 66.87
CA CYS B 567 -16.85 27.05 66.65
C CYS B 567 -16.55 27.51 65.22
N PHE B 568 -17.08 26.79 64.24
CA PHE B 568 -16.82 27.06 62.81
C PHE B 568 -17.24 28.45 62.28
N ALA B 569 -18.17 29.11 62.96
CA ALA B 569 -18.54 30.50 62.62
C ALA B 569 -17.90 31.52 63.57
N GLU B 570 -17.81 31.20 64.87
CA GLU B 570 -17.14 32.09 65.83
C GLU B 570 -15.65 32.15 65.50
N GLU B 571 -14.93 31.08 65.82
CA GLU B 571 -13.50 30.96 65.51
C GLU B 571 -13.23 31.09 64.00
N GLY B 572 -14.24 30.81 63.18
CA GLY B 572 -14.18 31.03 61.73
C GLY B 572 -13.80 32.44 61.30
N LYS B 573 -14.31 33.45 62.03
CA LYS B 573 -13.94 34.85 61.77
C LYS B 573 -12.56 35.22 62.33
N LYS B 574 -12.18 34.58 63.44
CA LYS B 574 -10.83 34.75 64.03
C LYS B 574 -9.68 34.10 63.25
N LEU B 575 -10.01 33.31 62.22
CA LEU B 575 -9.02 32.78 61.28
C LEU B 575 -8.99 33.61 59.99
N VAL B 576 -10.15 33.94 59.43
CA VAL B 576 -10.25 34.73 58.20
C VAL B 576 -9.63 36.12 58.31
N ALA B 577 -10.08 36.90 59.29
CA ALA B 577 -9.59 38.29 59.47
C ALA B 577 -8.14 38.35 59.96
N ALA B 578 -7.75 37.38 60.79
CA ALA B 578 -6.38 37.29 61.35
C ALA B 578 -5.36 36.93 60.28
N SER B 579 -5.62 35.83 59.56
CA SER B 579 -4.74 35.35 58.49
C SER B 579 -4.83 36.16 57.19
N GLN B 580 -5.58 37.27 57.20
CA GLN B 580 -5.39 38.33 56.22
C GLN B 580 -4.20 39.24 56.58
N ALA B 581 -3.90 39.36 57.88
CA ALA B 581 -2.92 40.32 58.39
C ALA B 581 -1.49 39.76 58.46
N ALA B 582 -1.35 38.47 58.76
CA ALA B 582 -0.05 37.79 58.59
C ALA B 582 0.42 37.98 57.15
N LEU B 583 -0.54 37.96 56.22
CA LEU B 583 -0.31 38.33 54.83
C LEU B 583 -0.32 39.86 54.68
C1 PLM C . 18.72 -7.34 -34.18
O1 PLM C . 18.13 -7.48 -33.09
O2 PLM C . 18.57 -8.14 -35.14
C2 PLM C . 19.67 -6.16 -34.31
C3 PLM C . 21.15 -6.54 -34.23
C4 PLM C . 21.47 -7.48 -33.06
C5 PLM C . 22.78 -7.15 -32.36
C6 PLM C . 22.57 -6.25 -31.14
C7 PLM C . 22.21 -7.01 -29.87
C8 PLM C . 21.86 -6.09 -28.69
C9 PLM C . 20.46 -5.48 -28.81
CA PLM C . 20.02 -4.79 -27.52
CB PLM C . 18.58 -4.27 -27.64
C1 PLM D . 8.27 -0.28 -12.72
O1 PLM D . 8.10 -0.49 -13.94
O2 PLM D . 7.78 -1.02 -11.82
C2 PLM D . 9.09 0.91 -12.29
C3 PLM D . 10.57 0.75 -12.65
C4 PLM D . 11.37 2.06 -12.52
C5 PLM D . 12.08 2.50 -13.81
C6 PLM D . 11.90 3.98 -14.18
C7 PLM D . 12.88 4.47 -15.25
C8 PLM D . 12.91 6.00 -15.39
C9 PLM D . 14.07 6.51 -16.28
CA PLM D . 14.47 7.97 -16.03
CB PLM D . 15.97 8.25 -16.17
CC PLM D . 16.50 9.23 -15.12
CD PLM D . 16.42 10.68 -15.59
CE PLM D . 17.79 11.33 -15.75
CF PLM D . 18.38 11.72 -14.41
CG PLM D . 18.11 13.19 -14.15
C1 PLM E . -11.71 -14.38 -30.52
O1 PLM E . -12.21 -13.38 -31.12
O2 PLM E . -12.27 -14.94 -29.53
C2 PLM E . -10.36 -14.89 -31.01
C3 PLM E . -10.33 -16.42 -31.00
C4 PLM E . -9.31 -16.99 -31.97
C5 PLM E . -9.90 -17.27 -33.35
C6 PLM E . -9.55 -18.67 -33.87
C7 PLM E . -9.24 -18.68 -35.36
C8 PLM E . -8.01 -17.83 -35.67
C9 PLM E . -6.99 -18.50 -36.57
CA PLM E . -5.68 -17.74 -36.56
CB PLM E . -4.56 -18.36 -37.42
CC PLM E . -4.38 -19.88 -37.28
CD PLM E . -4.10 -20.33 -35.84
CE PLM E . -5.01 -21.46 -35.35
CF PLM E . -5.55 -21.20 -33.95
C1 PLM F . -10.33 -17.12 -39.74
O1 PLM F . -11.45 -17.54 -39.37
O2 PLM F . -9.86 -17.31 -40.88
C2 PLM F . -9.47 -16.37 -38.73
C3 PLM F . -9.21 -14.92 -39.13
C4 PLM F . -7.85 -14.45 -38.63
C5 PLM F . -7.61 -12.98 -38.93
C6 PLM F . -6.49 -12.70 -39.94
C7 PLM F . -7.07 -12.41 -41.34
C8 PLM F . -5.98 -11.92 -42.31
C9 PLM F . -6.59 -11.56 -43.65
CA PLM F . -5.62 -10.81 -44.56
CB PLM F . -6.25 -9.51 -45.08
CC PLM F . -5.23 -8.57 -45.70
CD PLM F . -5.58 -7.09 -45.46
CE PLM F . -4.42 -6.14 -45.77
CF PLM F . -4.58 -4.76 -45.12
CG PLM F . -3.47 -3.84 -45.57
C1 PLM G . 5.76 -25.98 -52.90
O1 PLM G . 5.34 -27.07 -53.37
O2 PLM G . 6.74 -25.89 -52.12
C2 PLM G . 5.01 -24.71 -53.29
C3 PLM G . 5.35 -24.28 -54.72
C4 PLM G . 4.12 -23.65 -55.38
C5 PLM G . 4.46 -22.80 -56.60
C6 PLM G . 3.44 -21.69 -56.86
C7 PLM G . 3.69 -20.93 -58.17
C8 PLM G . 3.20 -21.74 -59.36
C9 PLM G . 3.29 -20.91 -60.64
CA PLM G . 3.28 -21.80 -61.87
CB PLM G . 3.22 -20.94 -63.13
CC PLM G . 1.85 -20.91 -63.81
CD PLM G . 1.48 -19.53 -64.37
CE PLM G . 0.06 -19.56 -64.92
CF PLM G . -0.31 -18.26 -65.64
C1 PLM H . -19.08 -1.51 -26.70
O1 PLM H . -19.19 -0.35 -27.19
O2 PLM H . -20.08 -2.16 -26.31
C2 PLM H . -17.70 -2.12 -26.60
C3 PLM H . -17.22 -2.32 -25.15
C4 PLM H . -17.52 -3.71 -24.57
C5 PLM H . -18.52 -3.63 -23.41
C6 PLM H . -18.81 -5.02 -22.85
C7 PLM H . -20.08 -5.07 -22.00
C8 PLM H . -19.78 -5.33 -20.54
C9 PLM H . -19.17 -4.11 -19.88
CA PLM H . -18.94 -4.32 -18.39
CB PLM H . -19.02 -2.98 -17.63
CC PLM H . -18.13 -2.96 -16.38
CD PLM H . -16.90 -2.09 -16.59
CE PLM H . -15.98 -1.99 -15.36
CF PLM H . -16.65 -2.12 -13.99
CG PLM H . -15.58 -2.01 -12.91
N16 U5U I . 1.19 -3.23 -13.43
C15 U5U I . 0.28 -3.36 -14.42
N12 U5U I . -0.51 -4.32 -14.45
S17 U5U I . 0.02 -2.30 -15.67
PD1 U5U I . -1.43 -2.84 -16.67
N11 U5U I . -1.36 -4.34 -15.57
C9 U5U I . -2.12 -5.45 -15.85
C14 U5U I . -3.10 -5.08 -16.91
C2 U5U I . -4.22 -5.77 -17.38
N13 U5U I . -2.87 -3.77 -17.37
C8 U5U I . -3.69 -3.23 -18.30
C7 U5U I . -4.79 -3.92 -18.81
C3 U5U I . -5.04 -5.21 -18.33
C1 U5U I . -2.03 -6.81 -15.14
C4 U5U I . -1.13 -7.08 -14.11
C5 U5U I . -1.06 -8.33 -13.50
C6 U5U I . -1.87 -9.37 -13.88
C10 U5U I . -2.78 -9.13 -14.90
C11 U5U I . -2.84 -7.89 -15.50
C12 U5U I . 1.65 -1.94 -12.92
C13 U5U I . 1.77 -4.41 -12.79
C1 PLM J . -16.92 2.12 38.41
O1 PLM J . -16.83 2.06 39.66
O2 PLM J . -16.06 2.72 37.71
C2 PLM J . -18.10 1.46 37.72
C3 PLM J . -18.60 0.23 38.49
C4 PLM J . -17.52 -0.84 38.61
C5 PLM J . -18.10 -2.23 38.84
C6 PLM J . -18.26 -3.07 37.56
C7 PLM J . -17.05 -3.97 37.30
C8 PLM J . -17.04 -4.54 35.88
C9 PLM J . -16.06 -3.79 34.96
CA PLM J . -15.93 -4.43 33.57
CB PLM J . -14.75 -3.86 32.78
C1 PLM K . -4.21 -8.79 18.77
O1 PLM K . -4.43 -7.90 19.64
O2 PLM K . -3.07 -9.09 18.32
C2 PLM K . -5.36 -9.58 18.19
C3 PLM K . -6.53 -9.68 19.16
C4 PLM K . -7.58 -10.57 18.52
C5 PLM K . -9.01 -10.09 18.73
C6 PLM K . -9.82 -9.99 17.46
C7 PLM K . -10.98 -9.03 17.68
C8 PLM K . -12.09 -9.20 16.64
C9 PLM K . -13.49 -9.07 17.22
CA PLM K . -14.46 -8.43 16.22
CB PLM K . -15.92 -8.87 16.38
CC PLM K . -16.26 -10.09 15.52
CD PLM K . -16.60 -9.72 14.08
CE PLM K . -18.05 -9.27 13.96
CF PLM K . -19.04 -10.43 13.88
CG PLM K . -20.35 -9.94 13.32
C1 PLM L . 12.05 13.77 30.94
O1 PLM L . 11.44 14.77 30.52
O2 PLM L . 13.28 13.61 30.80
C2 PLM L . 11.27 12.68 31.64
C3 PLM L . 11.49 12.78 33.14
C4 PLM L . 10.52 13.75 33.82
C5 PLM L . 11.16 14.68 34.87
C6 PLM L . 10.42 14.63 36.20
C7 PLM L . 10.51 15.88 37.06
C8 PLM L . 9.14 16.43 37.51
C9 PLM L . 8.56 15.59 38.67
CA PLM L . 7.19 16.08 39.15
CB PLM L . 6.33 14.96 39.75
CC PLM L . 6.75 14.60 41.17
CD PLM L . 7.35 13.20 41.31
CE PLM L . 8.88 13.16 41.21
CF PLM L . 9.33 12.22 40.11
C1 PLM M . 8.25 21.33 37.24
O1 PLM M . 9.44 21.67 37.06
O2 PLM M . 7.40 22.06 37.80
C2 PLM M . 7.82 19.97 36.79
C3 PLM M . 6.70 20.04 35.75
C4 PLM M . 5.90 18.75 35.79
C5 PLM M . 4.68 18.85 34.88
C6 PLM M . 3.49 19.51 35.56
C7 PLM M . 3.22 20.93 35.05
C8 PLM M . 1.75 21.32 35.24
C9 PLM M . 1.61 22.76 35.70
CA PLM M . 0.16 23.08 36.08
CB PLM M . -0.52 23.97 35.06
CC PLM M . -1.90 23.43 34.68
CD PLM M . -2.31 23.88 33.29
CE PLM M . -3.74 23.43 33.07
CF PLM M . -4.14 23.57 31.63
CG PLM M . -5.56 23.08 31.52
C1 PLM N . -3.82 20.75 56.38
O1 PLM N . -3.17 19.71 56.63
O2 PLM N . -4.85 21.07 57.04
C2 PLM N . -3.33 21.63 55.27
C3 PLM N . -4.46 22.28 54.45
C4 PLM N . -4.65 23.76 54.81
C5 PLM N . -5.75 24.41 53.99
C6 PLM N . -5.52 25.92 53.90
C7 PLM N . -6.77 26.77 53.68
C8 PLM N . -6.65 28.06 54.50
C9 PLM N . -7.70 29.11 54.14
CA PLM N . -7.69 30.21 55.20
CB PLM N . -8.67 31.33 54.84
CC PLM N . -8.07 32.73 54.95
CD PLM N . -8.50 33.65 53.80
CE PLM N . -7.74 34.97 53.91
CF PLM N . -7.94 35.81 52.67
C1 PLM O . 11.82 17.42 15.86
O1 PLM O . 10.85 18.06 15.39
O2 PLM O . 12.94 17.40 15.29
C2 PLM O . 11.64 16.65 17.17
C3 PLM O . 11.44 15.13 17.01
C4 PLM O . 12.61 14.25 17.53
C5 PLM O . 13.73 14.12 16.49
C6 PLM O . 14.84 13.14 16.85
C7 PLM O . 15.96 13.19 15.82
C8 PLM O . 16.56 11.82 15.50
C9 PLM O . 15.92 11.22 14.25
CA PLM O . 16.14 9.71 14.17
CB PLM O . 15.79 9.09 12.82
CC PLM O . 15.66 7.56 12.90
CD PLM O . 14.42 7.03 12.15
CE PLM O . 14.49 5.54 11.82
CF PLM O . 14.43 5.28 10.30
CG PLM O . 14.72 3.82 9.97
N16 U5U P . 6.31 -0.71 21.79
C15 U5U P . 5.13 -0.85 21.15
N12 U5U P . 4.45 -1.90 21.18
S17 U5U P . 4.43 0.35 20.20
PD1 U5U P . 3.22 -0.52 19.14
N11 U5U P . 3.50 -1.99 20.12
C9 U5U P . 2.74 -3.02 19.76
C14 U5U P . 1.43 -2.45 19.29
C2 U5U P . 0.16 -2.98 19.20
N13 U5U P . 1.56 -1.10 18.94
C8 U5U P . 0.54 -0.34 18.50
C7 U5U P . -0.72 -0.85 18.37
C3 U5U P . -0.89 -2.17 18.72
C1 U5U P . 3.26 -4.44 19.84
C4 U5U P . 4.55 -4.69 20.33
C5 U5U P . 5.05 -5.98 20.43
C6 U5U P . 4.25 -7.04 20.04
C10 U5U P . 2.98 -6.81 19.56
C11 U5U P . 2.47 -5.51 19.46
C12 U5U P . 7.04 0.55 21.74
C13 U5U P . 6.92 -1.79 22.58
#